data_7YEO
#
_entry.id   7YEO
#
_cell.length_a   117.390
_cell.length_b   106.820
_cell.length_c   82.810
_cell.angle_alpha   90.000
_cell.angle_beta   128.000
_cell.angle_gamma   90.000
#
_symmetry.space_group_name_H-M   'C 1 2 1'
#
loop_
_entity.id
_entity.type
_entity.pdbx_description
1 polymer 'Uncharacterized trans-sulfuration enzyme C23A1.14c'
2 non-polymer "PYRIDOXAL-5'-PHOSPHATE"
3 non-polymer 'MAGNESIUM ION'
4 water water
#
_entity_poly.entity_id   1
_entity_poly.type   'polypeptide(L)'
_entity_poly.pdbx_seq_one_letter_code
;MTHTPSFDLSDIKSTLSTNVLHADDAYALENDVAPPIHISTTYTYPGTPDTLQPFTKLAEEDFPYYARISGNNVDRAEAS
LSSVLGAPSVVYSSGLAAIYGLLSYLNPKHIAVHKPGFGGYSGTIQIIARINRLTGLETSFIDGKCDAIGEGDVIWLETP
LNPLGIAFDIPFYKELAKKKGAILVVDSTFAPPPIQDALVLGADYVVHSATKYLAGHSDVLAGVTASKDRSKILDLKADR
AYLGTILHPQQAFLLLRSLRTFPLRIAKHSENGFLVAQHLNKLATDEQFATSLGIDSSLILEVYHNSLQTKEFVAKNLTG
GHASCFSVLLKSDTVAKHLCCELKYFHHATSLGSVESLIEWRRMTDSKIDPRLVRLSIGIEDAADLIADLNRVFASLS
;
_entity_poly.pdbx_strand_id   A,B
#
# COMPACT_ATOMS: atom_id res chain seq x y z
N LYS A 13 -2.85 15.03 18.37
CA LYS A 13 -1.57 14.61 18.93
C LYS A 13 -0.86 13.56 18.05
N SER A 14 -1.54 12.46 17.73
CA SER A 14 -0.97 11.48 16.82
C SER A 14 -0.90 12.06 15.41
N THR A 15 0.02 11.53 14.63
CA THR A 15 0.31 12.05 13.30
C THR A 15 -0.38 11.20 12.23
N LEU A 16 -0.28 11.69 10.99
CA LEU A 16 -1.05 11.11 9.88
C LEU A 16 -0.81 9.61 9.71
N SER A 17 0.44 9.16 9.77
CA SER A 17 0.74 7.72 9.58
C SER A 17 -0.02 6.87 10.58
N THR A 18 -0.11 7.33 11.84
CA THR A 18 -0.87 6.60 12.84
C THR A 18 -2.37 6.71 12.59
N ASN A 19 -2.83 7.92 12.21
CA ASN A 19 -4.25 8.20 12.17
C ASN A 19 -4.95 7.44 11.04
N VAL A 20 -4.29 7.28 9.88
CA VAL A 20 -5.00 6.54 8.84
C VAL A 20 -5.21 5.10 9.25
N LEU A 21 -4.38 4.59 10.17
CA LEU A 21 -4.48 3.20 10.61
C LEU A 21 -5.49 3.04 11.72
N HIS A 22 -5.72 4.08 12.52
CA HIS A 22 -6.53 3.90 13.72
C HIS A 22 -7.78 4.76 13.80
N ALA A 23 -8.00 5.65 12.83
CA ALA A 23 -9.18 6.50 12.92
C ALA A 23 -10.47 5.71 12.85
N ASP A 24 -10.47 4.52 12.25
CA ASP A 24 -11.70 3.75 12.15
C ASP A 24 -11.87 2.76 13.29
N ASP A 25 -10.93 2.71 14.23
CA ASP A 25 -10.99 1.73 15.31
C ASP A 25 -12.34 1.82 16.04
N ALA A 26 -12.80 3.04 16.30
CA ALA A 26 -14.03 3.26 17.05
C ALA A 26 -15.27 2.86 16.27
N TYR A 27 -15.17 2.66 14.96
CA TYR A 27 -16.27 2.28 14.10
C TYR A 27 -16.29 0.78 13.81
N ALA A 28 -15.33 0.03 14.34
CA ALA A 28 -15.33 -1.44 14.17
C ALA A 28 -16.49 -2.09 14.94
N LEU A 29 -17.24 -2.95 14.27
CA LEU A 29 -18.40 -3.62 14.92
C LEU A 29 -18.00 -5.03 15.35
N GLU A 30 -16.79 -5.45 15.00
CA GLU A 30 -16.33 -6.82 15.29
C GLU A 30 -14.82 -6.87 15.54
N ASN A 31 -14.32 -8.05 15.91
CA ASN A 31 -12.92 -8.20 16.35
C ASN A 31 -11.95 -8.42 15.18
N ASP A 32 -12.47 -8.44 13.96
CA ASP A 32 -11.59 -8.60 12.77
C ASP A 32 -10.51 -7.49 12.78
N VAL A 33 -9.26 -7.86 12.56
CA VAL A 33 -8.20 -6.81 12.45
C VAL A 33 -8.41 -6.08 11.13
N ALA A 34 -8.39 -6.80 10.01
CA ALA A 34 -8.76 -6.17 8.74
C ALA A 34 -10.27 -5.96 8.71
N PRO A 35 -10.75 -4.86 8.15
CA PRO A 35 -12.19 -4.63 8.11
C PRO A 35 -12.89 -5.73 7.33
N PRO A 36 -14.01 -6.25 7.81
CA PRO A 36 -14.81 -7.17 6.98
C PRO A 36 -15.44 -6.41 5.84
N ILE A 37 -15.83 -7.15 4.80
CA ILE A 37 -16.68 -6.56 3.76
C ILE A 37 -18.13 -6.87 4.13
N HIS A 38 -18.83 -5.87 4.69
CA HIS A 38 -20.28 -5.97 4.90
C HIS A 38 -20.96 -5.67 3.58
N ILE A 39 -21.00 -6.70 2.72
CA ILE A 39 -21.48 -6.59 1.36
C ILE A 39 -23.01 -6.57 1.26
N SER A 40 -23.69 -7.05 2.29
CA SER A 40 -25.15 -7.19 2.23
C SER A 40 -25.80 -5.85 1.93
N THR A 41 -26.85 -5.89 1.12
CA THR A 41 -27.66 -4.69 0.93
C THR A 41 -28.54 -4.40 2.13
N THR A 42 -28.90 -5.44 2.88
CA THR A 42 -29.90 -5.28 3.94
C THR A 42 -29.47 -6.05 5.17
N TYR A 43 -29.97 -5.57 6.32
CA TYR A 43 -29.54 -5.97 7.66
C TYR A 43 -30.78 -6.11 8.52
N THR A 44 -30.84 -7.17 9.32
CA THR A 44 -32.06 -7.43 10.10
C THR A 44 -32.21 -6.44 11.24
N TYR A 45 -33.47 -6.10 11.52
CA TYR A 45 -33.80 -5.19 12.61
C TYR A 45 -33.58 -5.89 13.95
N PRO A 46 -33.01 -5.21 14.94
CA PRO A 46 -32.92 -5.81 16.28
C PRO A 46 -34.27 -5.73 16.96
N GLY A 47 -34.47 -6.59 17.94
CA GLY A 47 -35.67 -6.49 18.75
C GLY A 47 -36.54 -7.74 18.79
N THR A 48 -37.08 -8.03 19.97
CA THR A 48 -38.08 -9.06 20.23
C THR A 48 -39.48 -8.47 20.15
N PRO A 49 -40.55 -9.28 20.17
CA PRO A 49 -41.91 -8.69 20.12
C PRO A 49 -42.22 -7.65 21.20
N ASP A 50 -42.03 -7.98 22.49
CA ASP A 50 -41.89 -7.02 23.58
C ASP A 50 -40.82 -5.87 23.43
N THR A 51 -39.61 -6.02 22.82
CA THR A 51 -38.72 -4.84 22.74
C THR A 51 -38.77 -4.10 21.40
N LEU A 52 -39.46 -4.65 20.41
CA LEU A 52 -39.51 -4.04 19.09
C LEU A 52 -40.23 -2.71 19.16
N GLN A 53 -39.53 -1.69 18.69
CA GLN A 53 -40.12 -0.34 18.67
C GLN A 53 -39.71 0.35 17.38
N PRO A 54 -40.61 1.14 16.79
CA PRO A 54 -40.29 1.85 15.58
C PRO A 54 -39.19 2.86 15.86
N PHE A 55 -38.43 3.19 14.83
CA PHE A 55 -37.36 4.21 14.97
C PHE A 55 -37.95 5.62 14.97
N GLU A 61 -29.80 10.38 6.72
CA GLU A 61 -28.47 9.92 6.28
C GLU A 61 -27.91 8.85 7.22
N ASP A 62 -28.68 8.38 8.20
CA ASP A 62 -28.09 7.46 9.16
C ASP A 62 -28.80 6.10 9.25
N PHE A 63 -29.82 5.84 8.40
CA PHE A 63 -30.44 4.50 8.36
C PHE A 63 -29.38 3.44 8.09
N PRO A 64 -28.98 2.64 9.09
CA PRO A 64 -27.84 1.74 8.88
C PRO A 64 -28.20 0.39 8.29
N TYR A 65 -29.49 0.15 8.04
CA TYR A 65 -29.97 -1.16 7.65
C TYR A 65 -30.08 -1.33 6.15
N TYR A 66 -29.68 -0.34 5.36
CA TYR A 66 -29.70 -0.51 3.91
C TYR A 66 -28.48 0.18 3.31
N ALA A 67 -27.66 -0.57 2.56
CA ALA A 67 -26.34 -0.10 2.18
C ALA A 67 -26.34 1.04 1.18
N ARG A 68 -27.46 1.30 0.51
CA ARG A 68 -27.48 2.41 -0.44
C ARG A 68 -27.64 3.74 0.30
N ILE A 69 -27.98 3.69 1.60
CA ILE A 69 -28.13 4.89 2.44
C ILE A 69 -26.91 5.11 3.32
N SER A 70 -26.48 4.05 4.02
N SER A 70 -26.48 4.05 4.00
CA SER A 70 -25.37 4.13 4.96
CA SER A 70 -25.31 4.14 4.87
C SER A 70 -24.85 2.72 5.20
C SER A 70 -24.85 2.72 5.18
N GLY A 71 -23.58 2.60 5.53
CA GLY A 71 -23.02 1.28 5.79
C GLY A 71 -21.73 1.33 6.56
N ASN A 72 -21.37 0.19 7.16
CA ASN A 72 -20.18 0.17 8.00
C ASN A 72 -18.90 0.37 7.20
N ASN A 73 -18.80 -0.22 5.99
CA ASN A 73 -17.55 -0.03 5.24
C ASN A 73 -17.37 1.44 4.88
N VAL A 74 -18.47 2.10 4.49
CA VAL A 74 -18.41 3.52 4.19
C VAL A 74 -18.07 4.31 5.45
N ASP A 75 -18.66 3.92 6.60
CA ASP A 75 -18.35 4.61 7.87
C ASP A 75 -16.84 4.56 8.17
N ARG A 76 -16.23 3.37 8.01
CA ARG A 76 -14.81 3.25 8.34
C ARG A 76 -13.95 3.99 7.32
N ALA A 77 -14.32 3.90 6.03
CA ALA A 77 -13.58 4.66 5.04
C ALA A 77 -13.69 6.17 5.29
N GLU A 78 -14.88 6.65 5.64
CA GLU A 78 -15.03 8.07 5.91
C GLU A 78 -14.27 8.48 7.17
N ALA A 79 -14.16 7.58 8.16
CA ALA A 79 -13.38 7.95 9.34
C ALA A 79 -11.92 8.18 8.97
N SER A 80 -11.37 7.31 8.11
N SER A 80 -11.38 7.30 8.12
CA SER A 80 -9.98 7.49 7.73
CA SER A 80 -9.99 7.45 7.69
C SER A 80 -9.80 8.67 6.76
C SER A 80 -9.82 8.66 6.77
N LEU A 81 -10.74 8.84 5.82
CA LEU A 81 -10.69 10.02 4.94
C LEU A 81 -10.75 11.30 5.76
N SER A 82 -11.64 11.37 6.74
CA SER A 82 -11.77 12.59 7.54
C SER A 82 -10.50 12.84 8.33
N SER A 83 -9.80 11.77 8.70
N SER A 83 -9.76 11.78 8.66
CA SER A 83 -8.51 11.97 9.35
CA SER A 83 -8.47 11.99 9.36
C SER A 83 -7.49 12.59 8.39
C SER A 83 -7.45 12.59 8.39
N VAL A 84 -7.48 12.13 7.14
CA VAL A 84 -6.57 12.74 6.15
C VAL A 84 -6.95 14.21 5.90
N LEU A 85 -8.24 14.47 5.72
CA LEU A 85 -8.72 15.76 5.24
C LEU A 85 -8.93 16.75 6.39
N GLY A 86 -8.86 16.29 7.64
CA GLY A 86 -9.06 17.18 8.78
C GLY A 86 -10.46 17.73 8.97
N ALA A 87 -11.49 17.06 8.45
CA ALA A 87 -12.82 17.61 8.42
C ALA A 87 -13.80 16.49 8.07
N PRO A 88 -15.06 16.64 8.44
CA PRO A 88 -16.06 15.62 8.08
C PRO A 88 -16.14 15.46 6.57
N SER A 89 -16.23 14.20 6.15
N SER A 89 -16.23 14.20 6.16
CA SER A 89 -16.12 13.85 4.74
CA SER A 89 -16.13 13.83 4.76
C SER A 89 -17.29 12.95 4.34
C SER A 89 -17.32 12.97 4.35
N VAL A 90 -17.66 13.06 3.06
CA VAL A 90 -18.69 12.24 2.45
C VAL A 90 -18.14 11.58 1.18
N VAL A 91 -18.23 10.25 1.10
CA VAL A 91 -17.59 9.49 0.01
C VAL A 91 -18.64 9.01 -0.98
N TYR A 92 -18.27 9.04 -2.26
CA TYR A 92 -19.16 8.74 -3.36
C TYR A 92 -18.56 7.70 -4.27
N SER A 93 -19.40 7.19 -5.18
N SER A 93 -19.39 7.29 -5.18
CA SER A 93 -18.99 6.18 -6.15
CA SER A 93 -18.98 6.27 -6.15
C SER A 93 -17.99 6.69 -7.20
C SER A 93 -17.98 6.79 -7.20
N SER A 94 -17.79 8.01 -7.30
CA SER A 94 -16.75 8.53 -8.19
C SER A 94 -16.53 10.01 -7.87
N GLY A 95 -15.39 10.53 -8.34
CA GLY A 95 -15.14 11.97 -8.21
C GLY A 95 -16.21 12.82 -8.88
N LEU A 96 -16.67 12.42 -10.08
CA LEU A 96 -17.73 13.19 -10.70
C LEU A 96 -19.05 13.04 -9.96
N ALA A 97 -19.31 11.89 -9.33
CA ALA A 97 -20.51 11.79 -8.52
C ALA A 97 -20.44 12.78 -7.37
N ALA A 98 -19.26 12.95 -6.77
CA ALA A 98 -19.10 13.96 -5.71
C ALA A 98 -19.33 15.37 -6.25
N ILE A 99 -18.80 15.66 -7.44
CA ILE A 99 -18.92 17.00 -7.99
C ILE A 99 -20.37 17.30 -8.34
N TYR A 100 -21.03 16.35 -9.02
CA TYR A 100 -22.44 16.55 -9.33
C TYR A 100 -23.26 16.71 -8.06
N GLY A 101 -22.99 15.90 -7.04
CA GLY A 101 -23.70 16.08 -5.77
C GLY A 101 -23.49 17.47 -5.19
N LEU A 102 -22.27 17.96 -5.22
CA LEU A 102 -22.00 19.24 -4.57
C LEU A 102 -22.64 20.38 -5.36
N LEU A 103 -22.51 20.35 -6.68
CA LEU A 103 -23.05 21.46 -7.47
C LEU A 103 -24.59 21.46 -7.48
N SER A 104 -25.21 20.27 -7.52
CA SER A 104 -26.67 20.21 -7.46
C SER A 104 -27.18 20.59 -6.07
N TYR A 105 -26.40 20.35 -5.01
CA TYR A 105 -26.82 20.82 -3.69
C TYR A 105 -26.68 22.34 -3.56
N LEU A 106 -25.56 22.89 -4.02
CA LEU A 106 -25.35 24.34 -3.90
C LEU A 106 -26.29 25.11 -4.83
N ASN A 107 -26.60 24.54 -5.98
CA ASN A 107 -27.52 25.11 -6.98
C ASN A 107 -27.22 26.59 -7.24
N PRO A 108 -26.01 26.94 -7.66
CA PRO A 108 -25.69 28.34 -7.92
C PRO A 108 -26.29 28.82 -9.22
N LYS A 109 -26.47 30.14 -9.31
CA LYS A 109 -26.86 30.73 -10.59
C LYS A 109 -25.65 30.92 -11.50
N HIS A 110 -24.48 31.17 -10.94
CA HIS A 110 -23.25 31.41 -11.68
C HIS A 110 -22.12 30.58 -11.08
N ILE A 111 -21.24 30.09 -11.95
CA ILE A 111 -20.03 29.38 -11.54
C ILE A 111 -18.84 29.90 -12.34
N ALA A 112 -17.72 30.08 -11.68
CA ALA A 112 -16.46 30.45 -12.33
C ALA A 112 -15.50 29.26 -12.36
N VAL A 113 -14.99 28.94 -13.55
CA VAL A 113 -14.09 27.82 -13.78
C VAL A 113 -12.89 28.29 -14.58
N HIS A 114 -11.82 27.51 -14.54
CA HIS A 114 -10.72 27.72 -15.47
C HIS A 114 -11.21 27.60 -16.90
N LYS A 115 -10.72 28.48 -17.76
CA LYS A 115 -11.09 28.47 -19.16
C LYS A 115 -10.76 27.11 -19.78
N PRO A 116 -11.73 26.38 -20.34
CA PRO A 116 -11.39 25.22 -21.16
C PRO A 116 -10.45 25.65 -22.27
N GLY A 117 -9.37 24.90 -22.44
CA GLY A 117 -8.33 25.35 -23.33
C GLY A 117 -7.07 25.67 -22.56
N PHE A 118 -7.22 26.28 -21.39
CA PHE A 118 -6.08 26.49 -20.48
C PHE A 118 -5.92 25.32 -19.52
N GLY A 119 -7.03 24.83 -18.96
CA GLY A 119 -6.96 23.62 -18.17
C GLY A 119 -8.24 23.37 -17.42
N GLY A 120 -8.18 22.38 -16.53
CA GLY A 120 -9.35 22.02 -15.77
C GLY A 120 -9.95 20.72 -16.26
N TYR A 121 -10.49 19.95 -15.32
CA TYR A 121 -10.98 18.63 -15.66
C TYR A 121 -12.21 18.73 -16.58
N SER A 122 -12.17 18.01 -17.70
CA SER A 122 -13.25 18.16 -18.68
C SER A 122 -14.59 17.67 -18.13
N GLY A 123 -14.57 16.65 -17.25
CA GLY A 123 -15.81 16.15 -16.67
C GLY A 123 -16.57 17.19 -15.87
N THR A 124 -15.84 18.12 -15.23
CA THR A 124 -16.52 19.19 -14.50
C THR A 124 -17.34 20.08 -15.43
N ILE A 125 -16.78 20.39 -16.61
CA ILE A 125 -17.52 21.17 -17.61
C ILE A 125 -18.76 20.41 -18.06
N GLN A 126 -18.65 19.08 -18.21
CA GLN A 126 -19.81 18.30 -18.66
C GLN A 126 -20.90 18.27 -17.59
N ILE A 127 -20.49 18.23 -16.31
CA ILE A 127 -21.48 18.35 -15.23
C ILE A 127 -22.16 19.71 -15.27
N ILE A 128 -21.38 20.78 -15.43
CA ILE A 128 -21.98 22.11 -15.53
C ILE A 128 -23.01 22.14 -16.66
N ALA A 129 -22.71 21.48 -17.79
CA ALA A 129 -23.70 21.46 -18.88
C ALA A 129 -24.98 20.73 -18.48
N ARG A 130 -24.84 19.60 -17.78
CA ARG A 130 -26.04 18.86 -17.39
C ARG A 130 -26.87 19.61 -16.35
N ILE A 131 -26.21 20.34 -15.45
CA ILE A 131 -26.95 21.13 -14.48
C ILE A 131 -27.59 22.34 -15.15
N ASN A 132 -26.86 22.97 -16.07
CA ASN A 132 -27.41 24.09 -16.84
C ASN A 132 -28.69 23.70 -17.56
N ARG A 133 -28.73 22.46 -18.06
CA ARG A 133 -29.93 21.96 -18.73
C ARG A 133 -31.15 22.10 -17.82
N LEU A 134 -30.95 21.92 -16.51
CA LEU A 134 -32.00 21.94 -15.51
C LEU A 134 -32.27 23.32 -14.94
N THR A 135 -31.22 24.13 -14.73
CA THR A 135 -31.33 25.34 -13.92
C THR A 135 -30.95 26.62 -14.65
N GLY A 136 -30.28 26.54 -15.79
CA GLY A 136 -29.75 27.72 -16.44
C GLY A 136 -28.42 28.22 -15.90
N LEU A 137 -27.81 27.48 -14.97
CA LEU A 137 -26.48 27.77 -14.43
C LEU A 137 -25.56 28.37 -15.48
N GLU A 138 -25.07 29.59 -15.25
CA GLU A 138 -24.11 30.16 -16.21
C GLU A 138 -22.66 30.15 -15.77
N THR A 139 -21.79 29.96 -16.76
CA THR A 139 -20.36 29.79 -16.57
C THR A 139 -19.64 31.09 -16.93
N SER A 140 -18.68 31.47 -16.08
CA SER A 140 -17.67 32.46 -16.39
C SER A 140 -16.31 31.88 -16.02
N PHE A 141 -15.26 32.64 -16.25
CA PHE A 141 -13.91 32.12 -16.15
C PHE A 141 -13.14 32.74 -14.99
N ILE A 142 -12.33 31.92 -14.32
CA ILE A 142 -11.51 32.41 -13.23
C ILE A 142 -10.42 33.31 -13.81
N ASP A 143 -10.41 34.57 -13.39
CA ASP A 143 -9.51 35.54 -14.00
C ASP A 143 -8.93 36.51 -12.98
N GLY A 144 -9.06 36.22 -11.69
CA GLY A 144 -8.53 37.09 -10.66
C GLY A 144 -9.49 38.17 -10.20
N LYS A 145 -10.68 38.24 -10.78
CA LYS A 145 -11.68 39.27 -10.47
C LYS A 145 -13.04 38.63 -10.22
N CYS A 146 -13.45 37.73 -11.11
CA CYS A 146 -14.72 37.00 -11.02
C CYS A 146 -15.91 37.95 -10.87
N ASP A 147 -16.03 38.88 -11.83
CA ASP A 147 -17.07 39.90 -11.77
C ASP A 147 -18.48 39.30 -11.73
N ALA A 148 -18.72 38.22 -12.47
CA ALA A 148 -20.04 37.63 -12.62
C ALA A 148 -20.56 36.94 -11.35
N ILE A 149 -19.71 36.79 -10.34
CA ILE A 149 -19.98 35.93 -9.19
C ILE A 149 -20.57 36.77 -8.06
N GLY A 150 -21.75 36.37 -7.57
CA GLY A 150 -22.43 37.05 -6.48
C GLY A 150 -22.90 36.10 -5.39
N GLU A 151 -24.00 36.41 -4.70
CA GLU A 151 -24.16 35.79 -3.40
C GLU A 151 -24.60 34.36 -3.72
N GLY A 152 -24.05 33.37 -3.02
CA GLY A 152 -24.48 31.99 -3.24
C GLY A 152 -23.92 31.34 -4.48
N ASP A 153 -23.23 32.08 -5.35
CA ASP A 153 -22.57 31.54 -6.53
C ASP A 153 -21.28 30.84 -6.14
N VAL A 154 -20.66 30.15 -7.10
CA VAL A 154 -19.52 29.28 -6.81
C VAL A 154 -18.30 29.70 -7.62
N ILE A 155 -17.17 29.84 -6.93
CA ILE A 155 -15.86 29.85 -7.57
C ILE A 155 -15.31 28.43 -7.47
N TRP A 156 -15.13 27.78 -8.61
CA TRP A 156 -14.67 26.38 -8.71
C TRP A 156 -13.20 26.38 -9.07
N LEU A 157 -12.35 26.36 -8.05
CA LEU A 157 -10.91 26.49 -8.23
C LEU A 157 -10.26 25.12 -8.17
N GLU A 158 -9.83 24.62 -9.32
CA GLU A 158 -9.10 23.36 -9.38
C GLU A 158 -7.61 23.65 -9.29
N THR A 159 -6.99 23.24 -8.18
CA THR A 159 -5.57 23.55 -7.95
C THR A 159 -4.88 22.50 -7.08
N PRO A 160 -3.74 21.93 -7.52
CA PRO A 160 -3.09 22.14 -8.82
C PRO A 160 -3.98 21.80 -10.02
N LEU A 161 -3.72 22.45 -11.15
CA LEU A 161 -4.59 22.35 -12.32
C LEU A 161 -4.31 21.11 -13.16
N ASN A 162 -5.35 20.36 -13.49
CA ASN A 162 -5.23 19.27 -14.46
C ASN A 162 -5.26 19.90 -15.85
N PRO A 163 -4.23 19.72 -16.69
CA PRO A 163 -3.09 18.79 -16.65
C PRO A 163 -1.74 19.40 -16.28
N LEU A 164 -1.70 20.72 -16.04
CA LEU A 164 -0.41 21.42 -15.97
C LEU A 164 0.37 21.09 -14.69
N GLY A 165 -0.32 20.91 -13.57
CA GLY A 165 0.39 20.72 -12.32
C GLY A 165 0.85 22.00 -11.66
N ILE A 166 0.30 23.16 -12.06
CA ILE A 166 0.64 24.42 -11.42
C ILE A 166 -0.47 24.83 -10.45
N ALA A 167 -0.10 25.65 -9.48
CA ALA A 167 -0.97 26.01 -8.36
C ALA A 167 -1.55 27.41 -8.54
N PHE A 168 -2.72 27.61 -7.95
CA PHE A 168 -3.40 28.88 -7.81
C PHE A 168 -3.51 29.23 -6.33
N ASP A 169 -3.72 30.51 -6.03
CA ASP A 169 -3.63 31.03 -4.65
C ASP A 169 -4.97 30.88 -3.95
N ILE A 170 -5.16 29.80 -3.17
CA ILE A 170 -6.45 29.56 -2.52
C ILE A 170 -6.86 30.72 -1.61
N PRO A 171 -5.99 31.26 -0.75
CA PRO A 171 -6.44 32.36 0.13
C PRO A 171 -6.90 33.60 -0.63
N PHE A 172 -6.28 33.91 -1.77
CA PHE A 172 -6.77 35.03 -2.59
C PHE A 172 -8.22 34.79 -3.02
N TYR A 173 -8.50 33.60 -3.55
CA TYR A 173 -9.86 33.34 -4.00
C TYR A 173 -10.84 33.20 -2.85
N LYS A 174 -10.38 32.83 -1.65
CA LYS A 174 -11.27 32.84 -0.51
C LYS A 174 -11.67 34.28 -0.16
N GLU A 175 -10.71 35.19 -0.23
CA GLU A 175 -11.01 36.60 0.06
C GLU A 175 -12.01 37.14 -0.95
N LEU A 176 -11.78 36.84 -2.23
CA LEU A 176 -12.69 37.23 -3.29
C LEU A 176 -14.11 36.67 -3.06
N ALA A 177 -14.19 35.37 -2.76
CA ALA A 177 -15.49 34.76 -2.49
C ALA A 177 -16.18 35.40 -1.31
N LYS A 178 -15.44 35.63 -0.21
CA LYS A 178 -16.04 36.24 0.98
C LYS A 178 -16.62 37.63 0.66
N LYS A 179 -15.89 38.43 -0.13
CA LYS A 179 -16.40 39.75 -0.47
C LYS A 179 -17.71 39.66 -1.23
N LYS A 180 -17.89 38.60 -2.02
CA LYS A 180 -19.04 38.49 -2.88
C LYS A 180 -20.22 37.71 -2.26
N GLY A 181 -20.04 37.14 -1.08
CA GLY A 181 -21.04 36.22 -0.54
C GLY A 181 -21.06 34.88 -1.22
N ALA A 182 -20.02 34.59 -1.99
CA ALA A 182 -19.94 33.40 -2.83
C ALA A 182 -19.29 32.25 -2.07
N ILE A 183 -19.24 31.09 -2.71
CA ILE A 183 -18.72 29.85 -2.14
C ILE A 183 -17.47 29.45 -2.90
N LEU A 184 -16.37 29.23 -2.17
CA LEU A 184 -15.16 28.71 -2.77
C LEU A 184 -15.12 27.19 -2.62
N VAL A 185 -15.15 26.49 -3.76
CA VAL A 185 -14.87 25.05 -3.80
C VAL A 185 -13.48 24.86 -4.40
N VAL A 186 -12.65 24.03 -3.77
CA VAL A 186 -11.36 23.68 -4.37
C VAL A 186 -11.41 22.20 -4.75
N ASP A 187 -11.14 21.92 -6.01
CA ASP A 187 -10.88 20.54 -6.42
C ASP A 187 -9.38 20.34 -6.21
N SER A 188 -9.02 19.63 -5.13
CA SER A 188 -7.64 19.50 -4.70
C SER A 188 -7.06 18.13 -5.06
N THR A 189 -7.67 17.43 -6.03
CA THR A 189 -7.24 16.08 -6.42
C THR A 189 -5.74 15.96 -6.61
N PHE A 190 -5.10 16.93 -7.28
CA PHE A 190 -3.68 16.84 -7.56
C PHE A 190 -2.79 17.03 -6.34
N ALA A 191 -3.34 17.49 -5.20
CA ALA A 191 -2.53 17.72 -4.00
C ALA A 191 -3.36 17.49 -2.75
N PRO A 192 -3.52 16.24 -2.34
CA PRO A 192 -4.16 15.96 -1.05
C PRO A 192 -3.27 16.33 0.11
N PRO A 193 -3.81 16.50 1.31
CA PRO A 193 -2.96 16.64 2.49
C PRO A 193 -2.09 15.41 2.61
N PRO A 194 -0.83 15.53 3.05
CA PRO A 194 -0.21 16.72 3.63
C PRO A 194 0.41 17.66 2.60
N ILE A 195 0.25 17.40 1.31
CA ILE A 195 0.88 18.28 0.33
C ILE A 195 0.23 19.66 0.38
N GLN A 196 -1.11 19.70 0.38
CA GLN A 196 -1.90 20.92 0.47
C GLN A 196 -3.11 20.65 1.35
N ASP A 197 -3.48 21.59 2.20
CA ASP A 197 -4.75 21.49 2.92
C ASP A 197 -5.66 22.64 2.52
N ALA A 198 -6.48 22.38 1.50
CA ALA A 198 -7.32 23.43 0.93
C ALA A 198 -8.31 23.99 1.96
N LEU A 199 -8.75 23.17 2.91
CA LEU A 199 -9.71 23.67 3.87
C LEU A 199 -9.05 24.65 4.85
N VAL A 200 -7.83 24.33 5.29
CA VAL A 200 -7.10 25.26 6.16
C VAL A 200 -6.81 26.56 5.43
N LEU A 201 -6.51 26.49 4.13
CA LEU A 201 -6.28 27.66 3.29
C LEU A 201 -7.54 28.47 3.02
N GLY A 202 -8.71 27.94 3.34
CA GLY A 202 -9.93 28.73 3.33
C GLY A 202 -11.04 28.25 2.42
N ALA A 203 -10.84 27.14 1.70
CA ALA A 203 -11.92 26.63 0.85
C ALA A 203 -13.14 26.32 1.69
N ASP A 204 -14.32 26.67 1.18
CA ASP A 204 -15.54 26.29 1.87
C ASP A 204 -15.77 24.80 1.73
N TYR A 205 -15.52 24.26 0.54
CA TYR A 205 -15.57 22.82 0.32
C TYR A 205 -14.30 22.40 -0.40
N VAL A 206 -13.86 21.17 -0.13
CA VAL A 206 -12.82 20.56 -0.94
C VAL A 206 -13.37 19.25 -1.52
N VAL A 207 -13.02 19.00 -2.78
N VAL A 207 -13.01 19.09 -2.78
CA VAL A 207 -13.40 17.76 -3.46
CA VAL A 207 -13.38 17.86 -3.46
C VAL A 207 -12.13 17.06 -3.93
C VAL A 207 -12.12 17.16 -3.93
N HIS A 208 -12.11 15.73 -3.83
CA HIS A 208 -11.05 14.92 -4.42
C HIS A 208 -11.66 13.81 -5.24
N SER A 209 -11.03 13.52 -6.37
CA SER A 209 -11.21 12.21 -7.00
C SER A 209 -10.30 11.25 -6.25
N ALA A 210 -10.89 10.43 -5.38
CA ALA A 210 -10.11 9.45 -4.64
C ALA A 210 -9.66 8.31 -5.53
N THR A 211 -10.25 8.24 -6.72
CA THR A 211 -9.76 7.36 -7.79
C THR A 211 -8.27 7.51 -8.00
N LYS A 212 -7.74 8.72 -7.78
CA LYS A 212 -6.35 9.01 -8.07
C LYS A 212 -5.46 8.70 -6.86
N TYR A 213 -4.90 9.70 -6.17
CA TYR A 213 -3.92 9.43 -5.10
C TYR A 213 -4.49 8.64 -3.92
N LEU A 214 -5.66 9.04 -3.41
CA LEU A 214 -6.11 8.44 -2.15
C LEU A 214 -6.21 6.91 -2.26
N ALA A 215 -6.83 6.40 -3.33
CA ALA A 215 -6.82 4.94 -3.54
C ALA A 215 -5.51 4.47 -4.16
N GLY A 216 -5.07 5.13 -5.24
CA GLY A 216 -3.68 5.03 -5.66
C GLY A 216 -3.23 3.80 -6.42
N HIS A 217 -4.09 2.82 -6.66
CA HIS A 217 -3.68 1.61 -7.35
C HIS A 217 -4.47 1.34 -8.62
N SER A 218 -5.18 2.35 -9.13
CA SER A 218 -5.93 2.26 -10.37
C SER A 218 -6.97 1.16 -10.35
N ASP A 219 -7.55 0.84 -9.17
CA ASP A 219 -8.55 -0.21 -9.15
C ASP A 219 -9.78 0.16 -8.31
N VAL A 220 -9.96 1.45 -7.99
CA VAL A 220 -11.11 1.94 -7.24
C VAL A 220 -11.57 3.24 -7.88
N LEU A 221 -12.84 3.35 -8.22
CA LEU A 221 -13.44 4.65 -8.54
C LEU A 221 -14.06 5.18 -7.26
N ALA A 222 -13.73 6.41 -6.90
CA ALA A 222 -14.34 7.00 -5.70
C ALA A 222 -14.15 8.51 -5.69
N GLY A 223 -15.08 9.20 -5.05
CA GLY A 223 -14.97 10.64 -4.86
C GLY A 223 -15.21 11.01 -3.41
N VAL A 224 -14.68 12.14 -2.99
CA VAL A 224 -14.90 12.58 -1.62
C VAL A 224 -15.02 14.10 -1.55
N THR A 225 -15.97 14.57 -0.76
CA THR A 225 -16.13 16.00 -0.45
C THR A 225 -15.96 16.18 1.06
N ALA A 226 -15.33 17.27 1.45
CA ALA A 226 -15.19 17.59 2.87
C ALA A 226 -15.38 19.07 3.08
N SER A 227 -15.75 19.40 4.31
CA SER A 227 -16.00 20.78 4.70
C SER A 227 -15.86 20.85 6.22
N LYS A 228 -15.36 22.10 6.70
CA LYS A 228 -15.33 22.37 8.13
C LYS A 228 -16.74 22.40 8.71
N ASP A 229 -17.75 22.59 7.86
CA ASP A 229 -19.15 22.75 8.27
C ASP A 229 -19.87 21.41 8.15
N ARG A 230 -20.06 20.73 9.29
CA ARG A 230 -20.64 19.40 9.31
C ARG A 230 -22.11 19.36 8.87
N SER A 231 -22.86 20.46 9.06
CA SER A 231 -24.26 20.45 8.60
C SER A 231 -24.33 20.25 7.08
N LYS A 232 -23.39 20.86 6.35
CA LYS A 232 -23.39 20.74 4.88
C LYS A 232 -23.08 19.30 4.48
N ILE A 233 -22.15 18.66 5.19
CA ILE A 233 -21.80 17.27 4.87
C ILE A 233 -22.98 16.35 5.16
N LEU A 234 -23.72 16.62 6.25
CA LEU A 234 -24.90 15.80 6.50
C LEU A 234 -25.94 15.97 5.40
N ASP A 235 -26.11 17.20 4.91
CA ASP A 235 -27.05 17.40 3.80
C ASP A 235 -26.60 16.65 2.55
N LEU A 236 -25.29 16.68 2.28
CA LEU A 236 -24.75 15.94 1.13
C LEU A 236 -24.97 14.43 1.29
N LYS A 237 -24.82 13.91 2.51
CA LYS A 237 -25.06 12.48 2.70
C LYS A 237 -26.53 12.14 2.49
N ALA A 238 -27.44 13.04 2.89
CA ALA A 238 -28.86 12.77 2.65
C ALA A 238 -29.16 12.74 1.16
N ASP A 239 -28.65 13.73 0.43
CA ASP A 239 -28.82 13.75 -1.03
C ASP A 239 -28.22 12.49 -1.68
N ARG A 240 -27.04 12.08 -1.23
CA ARG A 240 -26.37 10.90 -1.76
C ARG A 240 -27.25 9.67 -1.66
N ALA A 241 -28.02 9.56 -0.56
CA ALA A 241 -28.94 8.43 -0.43
C ALA A 241 -29.95 8.35 -1.57
N TYR A 242 -30.32 9.48 -2.19
CA TYR A 242 -31.36 9.46 -3.21
C TYR A 242 -30.85 9.65 -4.62
N LEU A 243 -29.72 10.35 -4.79
CA LEU A 243 -28.99 10.33 -6.05
C LEU A 243 -28.39 8.95 -6.33
N GLY A 244 -28.30 8.09 -5.32
CA GLY A 244 -27.83 6.72 -5.56
C GLY A 244 -26.35 6.59 -5.75
N THR A 245 -25.57 7.51 -5.20
CA THR A 245 -24.15 7.60 -5.51
C THR A 245 -23.25 7.19 -4.34
N ILE A 246 -23.76 6.47 -3.34
CA ILE A 246 -22.86 6.01 -2.28
C ILE A 246 -21.77 5.07 -2.84
N LEU A 247 -20.57 5.14 -2.25
CA LEU A 247 -19.56 4.12 -2.50
C LEU A 247 -20.03 2.78 -1.96
N HIS A 248 -19.93 1.71 -2.77
CA HIS A 248 -20.42 0.42 -2.32
C HIS A 248 -19.42 -0.26 -1.40
N PRO A 249 -19.88 -1.24 -0.61
CA PRO A 249 -19.00 -1.86 0.39
C PRO A 249 -17.67 -2.40 -0.14
N GLN A 250 -17.68 -3.11 -1.27
CA GLN A 250 -16.42 -3.68 -1.76
C GLN A 250 -15.41 -2.59 -2.10
N GLN A 251 -15.88 -1.50 -2.71
CA GLN A 251 -14.98 -0.42 -3.04
C GLN A 251 -14.52 0.32 -1.79
N ALA A 252 -15.43 0.50 -0.82
CA ALA A 252 -15.06 1.16 0.44
C ALA A 252 -13.99 0.34 1.18
N PHE A 253 -14.08 -0.99 1.07
CA PHE A 253 -13.03 -1.84 1.63
C PHE A 253 -11.69 -1.59 0.95
N LEU A 254 -11.68 -1.57 -0.39
CA LEU A 254 -10.40 -1.37 -1.06
C LEU A 254 -9.85 0.04 -0.87
N LEU A 255 -10.71 1.05 -0.81
CA LEU A 255 -10.25 2.40 -0.55
C LEU A 255 -9.64 2.50 0.84
N LEU A 256 -10.28 1.88 1.83
CA LEU A 256 -9.72 1.93 3.19
C LEU A 256 -8.39 1.19 3.25
N ARG A 257 -8.29 0.05 2.55
CA ARG A 257 -7.03 -0.67 2.48
C ARG A 257 -5.95 0.26 1.92
N SER A 258 -6.26 0.96 0.83
CA SER A 258 -5.33 1.91 0.24
C SER A 258 -4.92 3.01 1.22
N LEU A 259 -5.89 3.54 1.96
CA LEU A 259 -5.59 4.66 2.84
C LEU A 259 -4.54 4.28 3.88
N ARG A 260 -4.43 2.99 4.21
CA ARG A 260 -3.41 2.59 5.19
C ARG A 260 -1.99 2.94 4.72
N THR A 261 -1.69 2.87 3.43
CA THR A 261 -0.37 3.22 2.90
C THR A 261 -0.33 4.61 2.28
N PHE A 262 -1.45 5.31 2.25
CA PHE A 262 -1.45 6.65 1.65
C PHE A 262 -0.34 7.56 2.18
N PRO A 263 -0.08 7.68 3.49
CA PRO A 263 1.01 8.58 3.92
C PRO A 263 2.40 8.21 3.38
N LEU A 264 2.70 6.91 3.24
CA LEU A 264 3.96 6.51 2.61
C LEU A 264 3.95 6.82 1.11
N ARG A 265 2.87 6.45 0.44
CA ARG A 265 2.79 6.64 -1.01
C ARG A 265 2.88 8.11 -1.36
N ILE A 266 2.12 8.96 -0.68
CA ILE A 266 2.04 10.36 -1.10
C ILE A 266 3.38 11.06 -0.87
N ALA A 267 4.11 10.67 0.20
CA ALA A 267 5.46 11.23 0.36
C ALA A 267 6.37 10.83 -0.79
N LYS A 268 6.28 9.57 -1.23
CA LYS A 268 7.11 9.13 -2.35
C LYS A 268 6.71 9.82 -3.66
N HIS A 269 5.40 9.89 -3.93
CA HIS A 269 4.91 10.61 -5.12
C HIS A 269 5.48 12.03 -5.16
N SER A 270 5.40 12.73 -4.03
CA SER A 270 5.80 14.14 -4.00
C SER A 270 7.31 14.30 -4.23
N GLU A 271 8.10 13.50 -3.51
CA GLU A 271 9.55 13.52 -3.74
C GLU A 271 9.89 13.22 -5.21
N ASN A 272 9.23 12.20 -5.79
CA ASN A 272 9.53 11.80 -7.16
C ASN A 272 9.10 12.86 -8.15
N GLY A 273 7.94 13.48 -7.91
CA GLY A 273 7.47 14.49 -8.85
C GLY A 273 8.41 15.68 -8.88
N PHE A 274 8.85 16.12 -7.70
CA PHE A 274 9.88 17.16 -7.65
C PHE A 274 11.12 16.76 -8.45
N LEU A 275 11.66 15.56 -8.18
CA LEU A 275 12.90 15.16 -8.84
C LEU A 275 12.73 15.07 -10.35
N VAL A 276 11.64 14.49 -10.83
CA VAL A 276 11.48 14.31 -12.27
C VAL A 276 11.20 15.64 -12.96
N ALA A 277 10.35 16.48 -12.38
CA ALA A 277 10.10 17.79 -12.99
C ALA A 277 11.38 18.63 -13.00
N GLN A 278 12.15 18.58 -11.91
CA GLN A 278 13.39 19.35 -11.87
C GLN A 278 14.37 18.86 -12.92
N HIS A 279 14.48 17.54 -13.09
CA HIS A 279 15.37 17.00 -14.10
C HIS A 279 14.96 17.41 -15.51
N LEU A 280 13.68 17.27 -15.84
CA LEU A 280 13.24 17.66 -17.18
C LEU A 280 13.45 19.16 -17.40
N ASN A 281 13.27 19.95 -16.35
CA ASN A 281 13.50 21.40 -16.50
C ASN A 281 14.98 21.69 -16.74
N LYS A 282 15.86 20.97 -16.02
CA LYS A 282 17.30 21.09 -16.26
C LYS A 282 17.67 20.71 -17.69
N LEU A 283 17.06 19.65 -18.21
CA LEU A 283 17.32 19.28 -19.60
C LEU A 283 16.89 20.39 -20.56
N ALA A 284 15.77 21.05 -20.25
CA ALA A 284 15.25 22.07 -21.16
C ALA A 284 16.00 23.39 -21.09
N THR A 285 16.56 23.74 -19.93
CA THR A 285 17.18 25.04 -19.71
C THR A 285 18.71 25.00 -19.55
N ASP A 286 19.35 23.85 -19.67
CA ASP A 286 20.81 23.73 -19.49
C ASP A 286 21.32 22.83 -20.62
N GLU A 287 21.60 23.46 -21.76
CA GLU A 287 22.10 22.80 -22.97
C GLU A 287 23.31 21.92 -22.71
N GLN A 288 24.21 22.35 -21.83
CA GLN A 288 25.42 21.59 -21.53
C GLN A 288 25.07 20.26 -20.88
N PHE A 289 24.44 20.30 -19.72
CA PHE A 289 23.87 19.12 -19.07
C PHE A 289 23.23 18.18 -20.08
N ALA A 290 22.27 18.72 -20.84
CA ALA A 290 21.56 17.93 -21.82
C ALA A 290 22.52 17.25 -22.79
N THR A 291 23.49 18.00 -23.32
CA THR A 291 24.45 17.40 -24.24
C THR A 291 25.31 16.35 -23.53
N SER A 292 25.65 16.60 -22.27
CA SER A 292 26.40 15.61 -21.49
C SER A 292 25.65 14.30 -21.37
N LEU A 293 24.34 14.33 -21.59
CA LEU A 293 23.52 13.12 -21.59
C LEU A 293 23.17 12.61 -22.99
N GLY A 294 23.70 13.22 -24.06
CA GLY A 294 23.30 12.82 -25.41
C GLY A 294 21.98 13.36 -25.86
N ILE A 295 21.53 14.46 -25.25
CA ILE A 295 20.17 14.97 -25.40
C ILE A 295 20.20 16.40 -25.96
N ASP A 296 19.34 16.64 -26.92
CA ASP A 296 19.08 17.94 -27.55
C ASP A 296 18.08 18.71 -26.68
N SER A 297 18.56 19.71 -25.93
CA SER A 297 17.69 20.46 -25.04
C SER A 297 16.50 21.12 -25.73
N SER A 298 16.53 21.27 -27.06
CA SER A 298 15.42 21.89 -27.77
C SER A 298 14.24 20.95 -27.94
N LEU A 299 14.37 19.70 -27.54
CA LEU A 299 13.25 18.77 -27.62
C LEU A 299 12.17 19.12 -26.60
N ILE A 300 12.54 19.80 -25.52
CA ILE A 300 11.64 20.20 -24.44
C ILE A 300 11.53 21.71 -24.45
N LEU A 301 10.33 22.21 -24.75
CA LEU A 301 10.07 23.64 -24.76
C LEU A 301 9.85 24.16 -23.35
N GLU A 302 8.96 23.51 -22.60
CA GLU A 302 8.60 24.04 -21.29
C GLU A 302 8.13 22.90 -20.39
N VAL A 303 8.57 22.91 -19.15
CA VAL A 303 8.05 22.02 -18.12
C VAL A 303 7.15 22.83 -17.21
N TYR A 304 5.91 22.35 -16.98
CA TYR A 304 4.99 23.01 -16.05
C TYR A 304 5.00 22.23 -14.74
N HIS A 305 5.24 22.93 -13.63
CA HIS A 305 5.29 22.30 -12.31
C HIS A 305 5.28 23.37 -11.23
N ASN A 306 4.68 23.05 -10.08
CA ASN A 306 4.55 24.06 -9.02
C ASN A 306 5.92 24.54 -8.54
N SER A 307 6.94 23.68 -8.62
CA SER A 307 8.25 24.06 -8.12
C SER A 307 8.97 25.00 -9.06
N LEU A 308 8.46 25.15 -10.29
CA LEU A 308 9.02 26.04 -11.28
C LEU A 308 8.29 27.38 -11.36
N GLN A 309 7.16 27.52 -10.65
CA GLN A 309 6.47 28.80 -10.60
C GLN A 309 7.25 29.77 -9.73
N THR A 310 7.32 31.04 -10.15
CA THR A 310 8.11 31.99 -9.38
C THR A 310 7.30 32.83 -8.41
N LYS A 311 6.01 32.56 -8.25
CA LYS A 311 5.22 33.32 -7.27
C LYS A 311 5.41 32.78 -5.86
N GLU A 312 5.43 33.71 -4.91
CA GLU A 312 5.59 33.40 -3.49
C GLU A 312 4.46 32.53 -2.95
N PHE A 313 3.24 32.67 -3.48
CA PHE A 313 2.12 31.98 -2.87
C PHE A 313 2.18 30.45 -3.04
N VAL A 314 2.91 29.95 -4.04
CA VAL A 314 2.83 28.53 -4.36
C VAL A 314 3.28 27.67 -3.17
N ALA A 315 4.44 27.99 -2.60
CA ALA A 315 4.91 27.24 -1.43
C ALA A 315 4.07 27.48 -0.19
N LYS A 316 3.25 28.55 -0.15
CA LYS A 316 2.29 28.80 0.91
C LYS A 316 1.00 28.02 0.73
N ASN A 317 0.75 27.49 -0.47
CA ASN A 317 -0.41 26.63 -0.71
C ASN A 317 0.01 25.17 -0.61
N LEU A 318 1.04 24.79 -1.35
CA LEU A 318 1.61 23.44 -1.28
C LEU A 318 2.69 23.45 -0.19
N THR A 319 2.22 23.38 1.04
CA THR A 319 3.07 23.54 2.21
C THR A 319 3.83 22.26 2.56
N GLY A 320 3.36 21.10 2.11
CA GLY A 320 3.98 19.85 2.48
C GLY A 320 4.54 18.99 1.36
N GLY A 321 4.71 19.55 0.17
CA GLY A 321 5.27 18.76 -0.92
C GLY A 321 4.97 19.39 -2.27
N HIS A 322 4.96 18.52 -3.28
CA HIS A 322 4.94 18.92 -4.67
C HIS A 322 3.92 18.09 -5.43
N ALA A 323 3.50 18.63 -6.57
CA ALA A 323 2.67 17.88 -7.50
C ALA A 323 3.50 16.77 -8.13
N SER A 324 2.84 15.65 -8.43
CA SER A 324 3.49 14.58 -9.17
C SER A 324 2.79 14.30 -10.49
N CYS A 325 1.78 15.08 -10.85
CA CYS A 325 1.15 15.01 -12.16
C CYS A 325 1.26 16.39 -12.76
N PHE A 326 1.87 16.48 -13.92
CA PHE A 326 2.20 17.79 -14.48
C PHE A 326 2.46 17.59 -15.96
N SER A 327 2.66 18.69 -16.69
CA SER A 327 2.73 18.61 -18.14
C SER A 327 4.06 19.15 -18.65
N VAL A 328 4.42 18.69 -19.84
CA VAL A 328 5.61 19.12 -20.56
C VAL A 328 5.17 19.47 -21.97
N LEU A 329 5.62 20.62 -22.45
CA LEU A 329 5.42 21.02 -23.84
C LEU A 329 6.68 20.66 -24.59
N LEU A 330 6.53 19.79 -25.57
CA LEU A 330 7.65 19.22 -26.30
C LEU A 330 7.79 19.99 -27.61
N LYS A 331 8.83 19.66 -28.37
CA LYS A 331 9.09 20.37 -29.62
C LYS A 331 8.05 20.04 -30.70
N SER A 332 7.54 18.81 -30.72
N SER A 332 7.55 18.91 -30.72
CA SER A 332 6.57 18.42 -31.74
CA SER A 332 6.58 18.52 -31.74
C SER A 332 5.70 17.27 -31.24
C SER A 332 5.71 17.37 -31.24
N ASP A 333 4.58 17.06 -31.94
CA ASP A 333 3.73 15.90 -31.66
C ASP A 333 4.45 14.59 -31.96
N THR A 334 5.41 14.60 -32.90
CA THR A 334 6.24 13.42 -33.14
C THR A 334 7.04 13.03 -31.90
N VAL A 335 7.66 14.03 -31.26
CA VAL A 335 8.39 13.79 -30.02
C VAL A 335 7.44 13.29 -28.93
N ALA A 336 6.24 13.85 -28.89
CA ALA A 336 5.26 13.45 -27.88
C ALA A 336 4.87 11.99 -28.05
N LYS A 337 4.56 11.58 -29.29
CA LYS A 337 4.11 10.22 -29.53
C LYS A 337 5.23 9.22 -29.23
N HIS A 338 6.47 9.53 -29.64
CA HIS A 338 7.54 8.58 -29.36
C HIS A 338 7.78 8.44 -27.87
N LEU A 339 7.76 9.56 -27.15
CA LEU A 339 7.88 9.50 -25.70
C LEU A 339 6.77 8.64 -25.11
N CYS A 340 5.53 8.86 -25.54
CA CYS A 340 4.40 8.15 -24.91
C CYS A 340 4.47 6.65 -25.16
N CYS A 341 5.08 6.24 -26.26
CA CYS A 341 5.06 4.82 -26.62
C CYS A 341 6.32 4.05 -26.25
N GLU A 342 7.44 4.72 -25.96
CA GLU A 342 8.71 4.00 -25.84
C GLU A 342 9.32 4.01 -24.45
N LEU A 343 8.63 4.54 -23.44
CA LEU A 343 9.17 4.55 -22.09
C LEU A 343 8.89 3.19 -21.44
N LYS A 344 9.87 2.70 -20.69
CA LYS A 344 9.76 1.37 -20.07
C LYS A 344 8.89 1.40 -18.80
N TYR A 345 8.97 2.48 -18.04
CA TYR A 345 8.31 2.56 -16.74
C TYR A 345 7.07 3.45 -16.75
N PHE A 346 6.72 4.04 -17.88
CA PHE A 346 5.51 4.84 -18.02
C PHE A 346 4.56 4.16 -18.99
N HIS A 347 3.38 3.80 -18.53
CA HIS A 347 2.37 3.23 -19.42
C HIS A 347 1.60 4.38 -20.07
N HIS A 348 1.24 4.21 -21.35
CA HIS A 348 0.48 5.26 -22.04
C HIS A 348 -1.00 5.09 -21.76
N ALA A 349 -1.53 5.87 -20.81
CA ALA A 349 -2.89 5.66 -20.37
C ALA A 349 -3.37 6.94 -19.69
N THR A 350 -4.69 7.07 -19.59
CA THR A 350 -5.24 8.21 -18.88
C THR A 350 -5.27 7.88 -17.37
N SER A 351 -5.76 8.85 -16.59
CA SER A 351 -5.81 8.86 -15.13
C SER A 351 -4.47 9.20 -14.54
N LEU A 352 -4.37 9.22 -13.21
CA LEU A 352 -3.12 9.64 -12.58
C LEU A 352 -3.14 9.18 -11.14
N GLY A 353 -2.04 9.42 -10.44
CA GLY A 353 -2.02 9.11 -9.02
C GLY A 353 -1.90 7.62 -8.75
N SER A 354 -1.41 6.87 -9.73
CA SER A 354 -1.21 5.42 -9.54
C SER A 354 0.19 5.11 -9.02
N VAL A 355 0.36 3.93 -8.43
CA VAL A 355 1.70 3.49 -7.95
C VAL A 355 2.64 3.43 -9.15
N GLU A 356 2.14 3.01 -10.30
CA GLU A 356 2.94 2.98 -11.54
C GLU A 356 2.89 4.34 -12.24
N SER A 357 4.02 4.73 -12.80
CA SER A 357 4.05 5.98 -13.57
C SER A 357 3.24 5.85 -14.86
N LEU A 358 2.60 6.94 -15.25
CA LEU A 358 1.77 6.97 -16.47
C LEU A 358 2.12 8.23 -17.28
N ILE A 359 1.85 8.16 -18.56
CA ILE A 359 2.01 9.33 -19.43
C ILE A 359 0.81 9.37 -20.36
N GLU A 360 0.43 10.58 -20.77
CA GLU A 360 -0.67 10.72 -21.70
C GLU A 360 -0.35 11.80 -22.71
N TRP A 361 -0.47 11.45 -23.98
CA TRP A 361 -0.56 12.42 -25.08
C TRP A 361 -1.95 13.06 -25.03
N ARG A 362 -2.03 14.28 -24.52
CA ARG A 362 -3.34 14.92 -24.27
C ARG A 362 -4.23 15.02 -25.51
N ARG A 363 -3.61 15.15 -26.68
CA ARG A 363 -4.38 15.18 -27.91
C ARG A 363 -5.25 13.93 -28.08
N MET A 364 -4.97 12.85 -27.34
CA MET A 364 -5.82 11.66 -27.37
C MET A 364 -7.22 11.95 -26.83
N THR A 365 -7.32 12.62 -25.68
CA THR A 365 -8.61 12.84 -25.03
C THR A 365 -9.26 14.18 -25.38
N ASP A 366 -8.69 14.96 -26.32
CA ASP A 366 -9.02 16.38 -26.47
C ASP A 366 -8.54 16.93 -27.81
N SER A 367 -9.47 17.26 -28.71
CA SER A 367 -9.12 17.65 -30.07
C SER A 367 -8.69 19.11 -30.19
N LYS A 368 -8.85 19.89 -29.13
CA LYS A 368 -8.57 21.32 -29.09
C LYS A 368 -7.24 21.67 -28.43
N ILE A 369 -6.51 20.68 -27.88
CA ILE A 369 -5.31 20.96 -27.10
C ILE A 369 -4.07 20.87 -27.99
N ASP A 370 -3.03 21.60 -27.58
CA ASP A 370 -1.76 21.64 -28.29
C ASP A 370 -1.23 20.21 -28.44
N PRO A 371 -0.97 19.74 -29.66
CA PRO A 371 -0.47 18.36 -29.83
C PRO A 371 0.94 18.15 -29.34
N ARG A 372 1.62 19.19 -28.87
CA ARG A 372 2.95 19.04 -28.32
C ARG A 372 2.93 18.69 -26.83
N LEU A 373 1.76 18.70 -26.18
CA LEU A 373 1.67 18.59 -24.73
C LEU A 373 1.55 17.13 -24.30
N VAL A 374 2.35 16.73 -23.33
CA VAL A 374 2.18 15.43 -22.66
C VAL A 374 1.98 15.69 -21.19
N ARG A 375 1.19 14.84 -20.55
CA ARG A 375 0.99 14.91 -19.10
C ARG A 375 1.65 13.68 -18.50
N LEU A 376 2.49 13.87 -17.49
CA LEU A 376 3.17 12.81 -16.77
C LEU A 376 2.50 12.65 -15.41
N SER A 377 2.30 11.40 -15.00
CA SER A 377 1.87 11.07 -13.66
C SER A 377 2.97 10.23 -13.04
N ILE A 378 3.69 10.79 -12.08
CA ILE A 378 4.84 10.09 -11.52
C ILE A 378 4.35 9.18 -10.40
N GLY A 379 4.69 7.90 -10.49
CA GLY A 379 4.36 6.89 -9.48
C GLY A 379 5.41 6.80 -8.38
N ILE A 380 5.51 5.60 -7.76
CA ILE A 380 6.39 5.45 -6.61
C ILE A 380 7.63 4.61 -6.93
N GLU A 381 8.02 4.58 -8.21
CA GLU A 381 9.29 3.98 -8.61
C GLU A 381 10.46 4.73 -7.97
N ASP A 382 11.66 4.15 -8.08
CA ASP A 382 12.88 4.89 -7.78
C ASP A 382 13.06 5.97 -8.84
N ALA A 383 13.09 7.24 -8.42
CA ALA A 383 13.16 8.33 -9.40
C ALA A 383 14.38 8.23 -10.31
N ALA A 384 15.45 7.59 -9.83
CA ALA A 384 16.63 7.46 -10.70
C ALA A 384 16.35 6.57 -11.91
N ASP A 385 15.50 5.54 -11.74
CA ASP A 385 15.08 4.72 -12.87
C ASP A 385 14.15 5.48 -13.81
N LEU A 386 13.26 6.30 -13.26
CA LEU A 386 12.36 7.07 -14.14
C LEU A 386 13.17 8.06 -14.96
N ILE A 387 14.13 8.71 -14.32
CA ILE A 387 14.99 9.68 -14.99
C ILE A 387 15.84 8.98 -16.06
N ALA A 388 16.41 7.80 -15.73
CA ALA A 388 17.18 7.07 -16.74
C ALA A 388 16.32 6.67 -17.93
N ASP A 389 15.06 6.30 -17.68
CA ASP A 389 14.14 5.91 -18.73
C ASP A 389 13.86 7.10 -19.67
N LEU A 390 13.55 8.24 -19.08
CA LEU A 390 13.31 9.47 -19.84
C LEU A 390 14.55 9.87 -20.63
N ASN A 391 15.71 9.81 -19.98
CA ASN A 391 16.98 10.12 -20.64
C ASN A 391 17.19 9.24 -21.86
N ARG A 392 17.02 7.92 -21.72
CA ARG A 392 17.16 7.03 -22.86
C ARG A 392 16.26 7.43 -24.03
N VAL A 393 14.99 7.72 -23.76
CA VAL A 393 14.11 8.02 -24.90
C VAL A 393 14.49 9.37 -25.53
N PHE A 394 14.74 10.40 -24.71
CA PHE A 394 15.12 11.70 -25.27
C PHE A 394 16.42 11.62 -26.06
N ALA A 395 17.39 10.84 -25.57
CA ALA A 395 18.63 10.65 -26.32
C ALA A 395 18.36 9.97 -27.66
N SER A 396 17.48 8.97 -27.68
CA SER A 396 17.17 8.30 -28.95
C SER A 396 16.49 9.23 -29.94
N LEU A 397 15.87 10.31 -29.47
CA LEU A 397 15.25 11.29 -30.37
C LEU A 397 16.21 12.38 -30.80
N SER A 398 17.44 12.37 -30.27
CA SER A 398 18.47 13.34 -30.57
C SER A 398 19.50 12.70 -31.51
N LYS B 13 19.99 -3.31 -12.78
CA LYS B 13 20.15 -1.86 -12.79
C LYS B 13 18.99 -1.18 -12.02
N SER B 14 17.75 -1.50 -12.34
CA SER B 14 16.65 -0.90 -11.59
C SER B 14 16.57 -1.48 -10.18
N THR B 15 16.03 -0.68 -9.25
CA THR B 15 15.99 -1.05 -7.84
C THR B 15 14.62 -1.59 -7.46
N LEU B 16 14.53 -2.07 -6.21
CA LEU B 16 13.35 -2.80 -5.74
C LEU B 16 12.06 -2.00 -5.93
N SER B 17 12.07 -0.71 -5.57
CA SER B 17 10.87 0.13 -5.69
C SER B 17 10.32 0.09 -7.11
N THR B 18 11.20 0.16 -8.11
CA THR B 18 10.77 0.07 -9.50
C THR B 18 10.33 -1.34 -9.88
N ASN B 19 11.11 -2.34 -9.44
CA ASN B 19 10.90 -3.67 -9.94
C ASN B 19 9.58 -4.28 -9.43
N VAL B 20 9.16 -3.97 -8.19
CA VAL B 20 7.88 -4.56 -7.78
C VAL B 20 6.75 -4.02 -8.63
N LEU B 21 6.93 -2.82 -9.20
CA LEU B 21 5.89 -2.20 -9.99
C LEU B 21 5.90 -2.67 -11.43
N HIS B 22 7.06 -3.13 -11.94
CA HIS B 22 7.12 -3.42 -13.37
C HIS B 22 7.53 -4.85 -13.71
N ALA B 23 7.87 -5.67 -12.72
CA ALA B 23 8.32 -7.02 -13.03
C ALA B 23 7.26 -7.83 -13.75
N ASP B 24 5.98 -7.50 -13.55
CA ASP B 24 4.93 -8.26 -14.21
C ASP B 24 4.50 -7.67 -15.55
N ASP B 25 5.12 -6.56 -15.98
CA ASP B 25 4.64 -5.90 -17.20
C ASP B 25 4.64 -6.89 -18.37
N ALA B 26 5.70 -7.70 -18.46
CA ALA B 26 5.85 -8.67 -19.55
C ALA B 26 4.82 -9.78 -19.48
N TYR B 27 4.15 -9.94 -18.35
CA TYR B 27 3.19 -11.05 -18.16
C TYR B 27 1.75 -10.58 -18.35
N ALA B 28 1.56 -9.30 -18.61
CA ALA B 28 0.20 -8.78 -18.88
C ALA B 28 -0.36 -9.35 -20.18
N LEU B 29 -1.60 -9.82 -20.15
CA LEU B 29 -2.25 -10.36 -21.36
C LEU B 29 -3.16 -9.30 -21.97
N GLU B 30 -3.29 -8.15 -21.32
CA GLU B 30 -4.23 -7.12 -21.78
C GLU B 30 -3.78 -5.73 -21.35
N ASN B 31 -4.51 -4.71 -21.77
CA ASN B 31 -4.08 -3.30 -21.57
C ASN B 31 -4.49 -2.69 -20.22
N ASP B 32 -5.14 -3.48 -19.40
CA ASP B 32 -5.56 -2.97 -18.08
C ASP B 32 -4.30 -2.50 -17.33
N VAL B 33 -4.35 -1.29 -16.74
CA VAL B 33 -3.20 -0.80 -15.93
C VAL B 33 -3.14 -1.65 -14.65
N ALA B 34 -4.23 -1.68 -13.87
CA ALA B 34 -4.28 -2.64 -12.77
C ALA B 34 -4.53 -4.05 -13.31
N PRO B 35 -3.93 -5.08 -12.73
CA PRO B 35 -4.16 -6.45 -13.21
C PRO B 35 -5.65 -6.79 -13.12
N PRO B 36 -6.22 -7.41 -14.15
CA PRO B 36 -7.57 -7.94 -14.00
C PRO B 36 -7.56 -9.13 -13.07
N ILE B 37 -8.72 -9.44 -12.52
CA ILE B 37 -8.89 -10.71 -11.82
C ILE B 37 -9.43 -11.73 -12.83
N HIS B 38 -8.55 -12.60 -13.30
CA HIS B 38 -8.93 -13.76 -14.11
C HIS B 38 -9.42 -14.84 -13.16
N ILE B 39 -10.67 -14.66 -12.74
CA ILE B 39 -11.27 -15.49 -11.69
C ILE B 39 -11.74 -16.84 -12.21
N SER B 40 -11.90 -16.98 -13.53
CA SER B 40 -12.46 -18.20 -14.11
C SER B 40 -11.60 -19.40 -13.74
N THR B 41 -12.25 -20.52 -13.48
CA THR B 41 -11.53 -21.77 -13.31
C THR B 41 -11.04 -22.31 -14.63
N THR B 42 -11.77 -22.07 -15.71
CA THR B 42 -11.47 -22.70 -16.99
C THR B 42 -11.49 -21.67 -18.12
N TYR B 43 -10.76 -21.99 -19.20
CA TYR B 43 -10.45 -21.04 -20.27
C TYR B 43 -10.61 -21.77 -21.58
N THR B 44 -11.24 -21.16 -22.59
CA THR B 44 -11.49 -21.93 -23.81
C THR B 44 -10.20 -22.14 -24.60
N TYR B 45 -10.16 -23.27 -25.29
CA TYR B 45 -9.03 -23.65 -26.12
C TYR B 45 -8.99 -22.78 -27.38
N PRO B 46 -7.85 -22.21 -27.76
CA PRO B 46 -7.80 -21.49 -29.03
C PRO B 46 -7.75 -22.50 -30.16
N GLY B 47 -8.19 -22.08 -31.32
CA GLY B 47 -8.06 -22.97 -32.46
C GLY B 47 -9.35 -23.38 -33.14
N THR B 48 -9.26 -23.61 -34.44
CA THR B 48 -10.34 -23.97 -35.35
C THR B 48 -10.25 -25.46 -35.66
N PRO B 49 -11.25 -26.04 -36.33
CA PRO B 49 -11.13 -27.48 -36.66
C PRO B 49 -9.83 -27.84 -37.38
N ASP B 50 -9.44 -27.05 -38.41
CA ASP B 50 -8.19 -27.26 -39.12
C ASP B 50 -6.98 -27.06 -38.19
N THR B 51 -6.94 -25.92 -37.50
CA THR B 51 -5.78 -25.60 -36.65
C THR B 51 -5.84 -26.23 -35.29
N LEU B 52 -6.86 -27.01 -34.98
CA LEU B 52 -6.96 -27.47 -33.61
C LEU B 52 -5.88 -28.53 -33.37
N GLN B 53 -5.00 -28.22 -32.44
CA GLN B 53 -3.73 -28.90 -32.28
C GLN B 53 -3.69 -29.52 -30.90
N PRO B 54 -3.80 -30.87 -30.78
CA PRO B 54 -3.70 -31.53 -29.50
C PRO B 54 -2.41 -31.03 -28.85
N PHE B 55 -2.34 -31.14 -27.53
CA PHE B 55 -1.16 -30.57 -26.84
C PHE B 55 0.11 -31.43 -26.92
N GLU B 60 0.19 -32.20 -17.86
CA GLU B 60 -0.27 -30.81 -17.60
C GLU B 60 0.61 -30.25 -16.48
N GLU B 61 1.53 -29.34 -16.81
CA GLU B 61 2.41 -28.73 -15.78
C GLU B 61 2.37 -27.23 -16.00
N ASP B 62 2.39 -26.79 -17.28
CA ASP B 62 2.18 -25.33 -17.54
C ASP B 62 0.84 -25.15 -18.24
N PHE B 63 -0.04 -26.14 -18.16
CA PHE B 63 -1.41 -26.03 -18.72
C PHE B 63 -2.03 -24.70 -18.28
N PRO B 64 -2.20 -23.67 -19.15
CA PRO B 64 -2.75 -22.38 -18.70
C PRO B 64 -4.26 -22.32 -18.65
N TYR B 65 -4.95 -23.40 -19.00
CA TYR B 65 -6.39 -23.38 -19.20
C TYR B 65 -7.18 -23.79 -17.97
N TYR B 66 -6.52 -24.07 -16.84
CA TYR B 66 -7.26 -24.43 -15.63
C TYR B 66 -6.54 -23.80 -14.44
N ALA B 67 -7.26 -22.99 -13.67
CA ALA B 67 -6.61 -22.15 -12.67
C ALA B 67 -6.02 -22.92 -11.49
N ARG B 68 -6.41 -24.18 -11.28
CA ARG B 68 -5.83 -24.91 -10.15
C ARG B 68 -4.44 -25.42 -10.53
N ILE B 69 -4.05 -25.31 -11.81
CA ILE B 69 -2.72 -25.72 -12.27
C ILE B 69 -1.82 -24.51 -12.50
N SER B 70 -2.34 -23.49 -13.16
CA SER B 70 -1.56 -22.33 -13.55
C SER B 70 -2.54 -21.21 -13.88
N GLY B 71 -2.15 -19.98 -13.64
CA GLY B 71 -3.04 -18.88 -13.96
C GLY B 71 -2.28 -17.58 -14.13
N ASN B 72 -2.92 -16.63 -14.82
CA ASN B 72 -2.26 -15.34 -15.07
C ASN B 72 -2.08 -14.54 -13.78
N ASN B 73 -3.05 -14.57 -12.87
CA ASN B 73 -2.85 -13.74 -11.67
C ASN B 73 -1.67 -14.27 -10.87
N VAL B 74 -1.56 -15.60 -10.78
CA VAL B 74 -0.40 -16.22 -10.11
C VAL B 74 0.88 -15.88 -10.85
N ASP B 75 0.87 -15.98 -12.20
CA ASP B 75 2.06 -15.58 -12.98
C ASP B 75 2.52 -14.16 -12.64
N ARG B 76 1.59 -13.21 -12.56
CA ARG B 76 2.02 -11.83 -12.32
C ARG B 76 2.51 -11.66 -10.88
N ALA B 77 1.81 -12.32 -9.93
CA ALA B 77 2.26 -12.28 -8.55
C ALA B 77 3.63 -12.91 -8.38
N GLU B 78 3.89 -14.02 -9.08
CA GLU B 78 5.18 -14.68 -8.96
C GLU B 78 6.27 -13.85 -9.62
N ALA B 79 5.94 -13.12 -10.68
CA ALA B 79 6.97 -12.24 -11.27
C ALA B 79 7.40 -11.18 -10.28
N SER B 80 6.44 -10.58 -9.58
N SER B 80 6.43 -10.57 -9.58
CA SER B 80 6.82 -9.54 -8.62
CA SER B 80 6.78 -9.54 -8.60
C SER B 80 7.52 -10.14 -7.40
C SER B 80 7.50 -10.13 -7.40
N LEU B 81 7.03 -11.28 -6.91
CA LEU B 81 7.69 -11.97 -5.80
C LEU B 81 9.13 -12.33 -6.18
N SER B 82 9.34 -12.84 -7.39
CA SER B 82 10.69 -13.21 -7.80
C SER B 82 11.57 -11.98 -7.87
N SER B 83 11.00 -10.83 -8.22
N SER B 83 10.99 -10.82 -8.22
CA SER B 83 11.85 -9.65 -8.20
CA SER B 83 11.76 -9.58 -8.20
C SER B 83 12.23 -9.28 -6.77
C SER B 83 12.17 -9.20 -6.79
N VAL B 84 11.32 -9.47 -5.80
CA VAL B 84 11.67 -9.19 -4.40
C VAL B 84 12.75 -10.17 -3.92
N LEU B 85 12.55 -11.45 -4.20
CA LEU B 85 13.35 -12.54 -3.67
C LEU B 85 14.61 -12.78 -4.47
N GLY B 86 14.72 -12.17 -5.66
CA GLY B 86 15.89 -12.35 -6.51
C GLY B 86 16.08 -13.74 -7.07
N ALA B 87 15.01 -14.51 -7.20
CA ALA B 87 15.12 -15.90 -7.62
C ALA B 87 13.74 -16.39 -8.05
N PRO B 88 13.68 -17.43 -8.87
CA PRO B 88 12.41 -18.05 -9.24
C PRO B 88 11.60 -18.42 -8.00
N SER B 89 10.31 -18.10 -8.02
N SER B 89 10.31 -18.11 -8.02
CA SER B 89 9.45 -18.28 -6.85
CA SER B 89 9.45 -18.27 -6.85
C SER B 89 8.20 -19.06 -7.22
C SER B 89 8.18 -19.02 -7.21
N VAL B 90 7.65 -19.74 -6.22
CA VAL B 90 6.40 -20.48 -6.36
C VAL B 90 5.48 -20.11 -5.19
N VAL B 91 4.26 -19.67 -5.52
CA VAL B 91 3.32 -19.10 -4.55
C VAL B 91 2.20 -20.10 -4.26
N TYR B 92 1.78 -20.14 -3.01
CA TYR B 92 0.84 -21.12 -2.47
C TYR B 92 -0.26 -20.42 -1.69
N SER B 93 -1.32 -21.19 -1.39
CA SER B 93 -2.47 -20.69 -0.64
C SER B 93 -2.18 -20.31 0.81
N SER B 94 -1.01 -20.68 1.35
CA SER B 94 -0.59 -20.25 2.69
C SER B 94 0.88 -20.60 2.89
N GLY B 95 1.47 -19.98 3.90
CA GLY B 95 2.83 -20.32 4.29
C GLY B 95 3.00 -21.78 4.63
N LEU B 96 2.07 -22.34 5.43
CA LEU B 96 2.20 -23.77 5.73
C LEU B 96 2.01 -24.64 4.49
N ALA B 97 1.17 -24.22 3.53
CA ALA B 97 1.09 -24.98 2.28
C ALA B 97 2.44 -25.00 1.58
N ALA B 98 3.16 -23.88 1.60
CA ALA B 98 4.50 -23.82 1.00
C ALA B 98 5.46 -24.75 1.74
N ILE B 99 5.41 -24.71 3.07
CA ILE B 99 6.31 -25.55 3.87
C ILE B 99 6.02 -27.03 3.65
N TYR B 100 4.73 -27.40 3.68
CA TYR B 100 4.37 -28.80 3.46
C TYR B 100 4.82 -29.24 2.07
N GLY B 101 4.57 -28.41 1.06
CA GLY B 101 5.04 -28.73 -0.29
C GLY B 101 6.53 -28.93 -0.35
N LEU B 102 7.29 -28.06 0.31
CA LEU B 102 8.74 -28.16 0.19
C LEU B 102 9.25 -29.40 0.89
N LEU B 103 8.74 -29.69 2.09
CA LEU B 103 9.26 -30.82 2.86
C LEU B 103 8.83 -32.15 2.27
N SER B 104 7.60 -32.23 1.74
CA SER B 104 7.17 -33.43 1.04
C SER B 104 7.95 -33.64 -0.26
N TYR B 105 8.33 -32.55 -0.95
CA TYR B 105 9.19 -32.69 -2.13
C TYR B 105 10.59 -33.18 -1.75
N LEU B 106 11.19 -32.57 -0.73
CA LEU B 106 12.56 -32.92 -0.36
C LEU B 106 12.64 -34.31 0.28
N ASN B 107 11.58 -34.72 0.98
CA ASN B 107 11.42 -36.04 1.59
C ASN B 107 12.70 -36.49 2.31
N PRO B 108 13.21 -35.70 3.26
CA PRO B 108 14.43 -36.09 3.98
C PRO B 108 14.16 -37.21 4.98
N LYS B 109 15.22 -37.98 5.29
CA LYS B 109 15.16 -38.81 6.48
C LYS B 109 15.24 -38.06 7.80
N HIS B 110 16.01 -36.99 7.87
CA HIS B 110 16.22 -36.27 9.13
C HIS B 110 16.06 -34.80 8.87
N ILE B 111 15.53 -34.09 9.86
CA ILE B 111 15.38 -32.64 9.79
C ILE B 111 15.83 -32.06 11.13
N ALA B 112 16.59 -30.97 11.08
CA ALA B 112 16.97 -30.24 12.29
C ALA B 112 16.18 -28.95 12.36
N VAL B 113 15.54 -28.69 13.52
CA VAL B 113 14.70 -27.51 13.76
C VAL B 113 15.11 -26.92 15.12
N HIS B 114 14.71 -25.68 15.35
CA HIS B 114 14.94 -25.09 16.68
C HIS B 114 14.10 -25.87 17.69
N LYS B 115 14.65 -26.04 18.89
CA LYS B 115 13.90 -26.75 19.94
C LYS B 115 12.61 -25.98 20.22
N PRO B 116 11.44 -26.65 20.28
CA PRO B 116 10.17 -25.95 20.42
C PRO B 116 10.05 -25.01 21.64
N GLY B 117 10.61 -25.37 22.77
CA GLY B 117 10.60 -24.47 23.93
C GLY B 117 11.34 -23.17 23.68
N PHE B 118 12.42 -23.22 22.92
CA PHE B 118 13.21 -21.99 22.58
C PHE B 118 12.45 -21.09 21.61
N GLY B 119 11.83 -21.68 20.60
CA GLY B 119 11.08 -20.89 19.61
C GLY B 119 10.88 -21.64 18.31
N GLY B 120 10.45 -20.91 17.28
CA GLY B 120 10.14 -21.54 16.01
C GLY B 120 8.65 -21.71 15.82
N TYR B 121 8.20 -21.63 14.58
CA TYR B 121 6.77 -21.62 14.31
C TYR B 121 6.19 -23.00 14.59
N SER B 122 5.14 -23.05 15.43
CA SER B 122 4.61 -24.36 15.84
C SER B 122 4.01 -25.11 14.67
N GLY B 123 3.51 -24.38 13.66
CA GLY B 123 2.94 -25.04 12.51
C GLY B 123 3.95 -25.90 11.78
N THR B 124 5.21 -25.49 11.78
CA THR B 124 6.25 -26.28 11.12
C THR B 124 6.42 -27.63 11.82
N ILE B 125 6.39 -27.61 13.16
CA ILE B 125 6.46 -28.86 13.94
C ILE B 125 5.27 -29.76 13.59
N GLN B 126 4.07 -29.17 13.42
CA GLN B 126 2.90 -29.98 13.08
C GLN B 126 3.00 -30.59 11.68
N ILE B 127 3.60 -29.85 10.73
CA ILE B 127 3.84 -30.43 9.42
C ILE B 127 4.84 -31.59 9.52
N ILE B 128 5.89 -31.41 10.31
CA ILE B 128 6.86 -32.49 10.46
C ILE B 128 6.18 -33.73 11.01
N ALA B 129 5.26 -33.57 11.97
CA ALA B 129 4.54 -34.72 12.49
C ALA B 129 3.67 -35.39 11.43
N ARG B 130 3.05 -34.58 10.55
CA ARG B 130 2.20 -35.16 9.52
C ARG B 130 3.01 -35.89 8.45
N ILE B 131 4.23 -35.40 8.18
CA ILE B 131 5.10 -36.10 7.24
C ILE B 131 5.69 -37.34 7.87
N ASN B 132 6.06 -37.24 9.15
CA ASN B 132 6.56 -38.41 9.88
C ASN B 132 5.55 -39.55 9.88
N ARG B 133 4.27 -39.22 10.02
CA ARG B 133 3.20 -40.21 9.91
C ARG B 133 3.36 -41.06 8.63
N LEU B 134 3.85 -40.44 7.56
CA LEU B 134 3.95 -41.06 6.24
C LEU B 134 5.32 -41.69 5.99
N THR B 135 6.39 -41.05 6.45
CA THR B 135 7.74 -41.39 6.01
C THR B 135 8.67 -41.81 7.13
N GLY B 136 8.32 -41.53 8.39
CA GLY B 136 9.21 -41.76 9.52
C GLY B 136 10.24 -40.70 9.74
N LEU B 137 10.16 -39.58 9.01
CA LEU B 137 11.03 -38.41 9.16
C LEU B 137 11.37 -38.16 10.63
N GLU B 138 12.66 -38.11 10.93
CA GLU B 138 13.14 -37.94 12.29
C GLU B 138 13.60 -36.51 12.54
N THR B 139 13.31 -36.00 13.73
CA THR B 139 13.63 -34.64 14.12
C THR B 139 14.81 -34.61 15.06
N SER B 140 15.76 -33.72 14.80
CA SER B 140 16.77 -33.31 15.79
C SER B 140 16.75 -31.80 15.92
N PHE B 141 17.58 -31.25 16.81
CA PHE B 141 17.51 -29.82 17.08
C PHE B 141 18.75 -29.09 16.58
N ILE B 142 18.54 -27.86 16.10
CA ILE B 142 19.62 -27.00 15.66
C ILE B 142 20.50 -26.64 16.85
N ASP B 143 21.79 -26.97 16.76
CA ASP B 143 22.65 -26.82 17.94
C ASP B 143 24.07 -26.38 17.60
N GLY B 144 24.28 -25.82 16.41
CA GLY B 144 25.63 -25.46 15.98
C GLY B 144 26.46 -26.61 15.45
N LYS B 145 25.93 -27.84 15.48
CA LYS B 145 26.66 -29.05 15.11
C LYS B 145 25.88 -29.85 14.07
N CYS B 146 24.63 -30.16 14.41
CA CYS B 146 23.72 -30.93 13.55
C CYS B 146 24.34 -32.27 13.14
N ASP B 147 24.82 -33.03 14.14
CA ASP B 147 25.48 -34.29 13.86
C ASP B 147 24.56 -35.28 13.14
N ALA B 148 23.28 -35.30 13.52
CA ALA B 148 22.31 -36.25 12.97
C ALA B 148 21.98 -36.01 11.50
N ILE B 149 22.42 -34.90 10.93
CA ILE B 149 22.06 -34.49 9.57
C ILE B 149 23.08 -35.04 8.58
N GLY B 150 22.60 -35.79 7.58
CA GLY B 150 23.46 -36.29 6.52
C GLY B 150 22.99 -35.95 5.11
N GLU B 151 23.39 -36.77 4.13
CA GLU B 151 23.14 -36.44 2.73
C GLU B 151 21.64 -36.42 2.46
N GLY B 152 21.18 -35.34 1.82
CA GLY B 152 19.77 -35.19 1.50
C GLY B 152 18.88 -34.78 2.66
N ASP B 153 19.39 -34.75 3.89
CA ASP B 153 18.64 -34.26 5.03
C ASP B 153 18.51 -32.73 4.98
N VAL B 154 17.72 -32.18 5.90
CA VAL B 154 17.32 -30.77 5.89
C VAL B 154 17.67 -30.10 7.21
N ILE B 155 18.35 -28.96 7.14
CA ILE B 155 18.47 -28.04 8.25
C ILE B 155 17.42 -26.95 8.02
N TRP B 156 16.43 -26.89 8.90
CA TRP B 156 15.32 -25.94 8.82
C TRP B 156 15.60 -24.79 9.77
N LEU B 157 16.21 -23.73 9.24
CA LEU B 157 16.65 -22.59 10.02
C LEU B 157 15.61 -21.47 9.88
N GLU B 158 14.85 -21.24 10.94
CA GLU B 158 13.91 -20.11 10.93
C GLU B 158 14.61 -18.91 11.55
N THR B 159 14.87 -17.89 10.73
CA THR B 159 15.61 -16.72 11.24
C THR B 159 15.23 -15.45 10.49
N PRO B 160 14.90 -14.37 11.19
CA PRO B 160 14.75 -14.28 12.65
C PRO B 160 13.71 -15.23 13.21
N LEU B 161 13.88 -15.58 14.48
CA LEU B 161 13.09 -16.61 15.13
C LEU B 161 11.75 -16.07 15.62
N ASN B 162 10.67 -16.78 15.30
CA ASN B 162 9.36 -16.54 15.89
C ASN B 162 9.32 -17.27 17.23
N PRO B 163 9.09 -16.58 18.37
CA PRO B 163 8.62 -15.18 18.54
C PRO B 163 9.64 -14.12 18.95
N LEU B 164 10.90 -14.52 19.15
CA LEU B 164 11.86 -13.65 19.84
C LEU B 164 12.36 -12.52 18.97
N GLY B 165 12.47 -12.74 17.66
CA GLY B 165 12.99 -11.71 16.79
C GLY B 165 14.50 -11.65 16.75
N ILE B 166 15.19 -12.69 17.20
CA ILE B 166 16.63 -12.76 17.13
C ILE B 166 17.06 -13.61 15.95
N ALA B 167 18.30 -13.40 15.50
CA ALA B 167 18.81 -13.95 14.26
C ALA B 167 19.84 -15.04 14.50
N PHE B 168 19.99 -15.89 13.49
CA PHE B 168 20.98 -16.96 13.44
C PHE B 168 21.85 -16.75 12.21
N ASP B 169 22.99 -17.42 12.20
CA ASP B 169 24.02 -17.16 11.20
C ASP B 169 23.83 -18.08 9.99
N ILE B 170 23.15 -17.57 8.95
CA ILE B 170 22.88 -18.39 7.77
C ILE B 170 24.15 -18.91 7.11
N PRO B 171 25.19 -18.10 6.90
CA PRO B 171 26.39 -18.64 6.23
C PRO B 171 27.03 -19.78 7.00
N PHE B 172 26.97 -19.73 8.34
CA PHE B 172 27.49 -20.82 9.15
C PHE B 172 26.74 -22.12 8.85
N TYR B 173 25.40 -22.04 8.83
CA TYR B 173 24.63 -23.25 8.58
C TYR B 173 24.72 -23.69 7.13
N LYS B 174 24.99 -22.76 6.19
CA LYS B 174 25.27 -23.19 4.82
C LYS B 174 26.53 -24.02 4.77
N GLU B 175 27.58 -23.59 5.48
CA GLU B 175 28.82 -24.37 5.48
C GLU B 175 28.62 -25.74 6.12
N LEU B 176 27.95 -25.81 7.28
CA LEU B 176 27.57 -27.15 7.76
C LEU B 176 26.79 -27.97 6.74
N ALA B 177 25.75 -27.40 6.15
CA ALA B 177 24.94 -28.18 5.22
C ALA B 177 25.79 -28.68 4.06
N LYS B 178 26.68 -27.82 3.56
CA LYS B 178 27.54 -28.16 2.43
C LYS B 178 28.45 -29.33 2.78
N LYS B 179 29.05 -29.31 3.97
CA LYS B 179 29.96 -30.37 4.37
C LYS B 179 29.23 -31.69 4.46
N LYS B 180 27.96 -31.63 4.87
CA LYS B 180 27.20 -32.85 5.13
C LYS B 180 26.42 -33.35 3.92
N GLY B 181 26.40 -32.60 2.81
CA GLY B 181 25.56 -32.96 1.68
C GLY B 181 24.09 -32.76 1.97
N ALA B 182 23.79 -31.89 2.93
CA ALA B 182 22.43 -31.61 3.37
C ALA B 182 21.89 -30.37 2.65
N ILE B 183 20.62 -30.06 2.92
CA ILE B 183 19.91 -28.94 2.30
C ILE B 183 19.59 -27.92 3.39
N LEU B 184 19.97 -26.67 3.16
CA LEU B 184 19.62 -25.59 4.08
C LEU B 184 18.34 -24.91 3.57
N VAL B 185 17.28 -24.99 4.38
CA VAL B 185 16.09 -24.17 4.15
C VAL B 185 16.06 -23.07 5.20
N VAL B 186 15.84 -21.84 4.76
CA VAL B 186 15.63 -20.75 5.72
C VAL B 186 14.18 -20.29 5.62
N ASP B 187 13.48 -20.29 6.75
CA ASP B 187 12.19 -19.61 6.85
C ASP B 187 12.51 -18.18 7.23
N SER B 188 12.48 -17.28 6.24
CA SER B 188 12.88 -15.89 6.40
C SER B 188 11.70 -14.94 6.61
N THR B 189 10.54 -15.47 7.03
CA THR B 189 9.33 -14.65 7.17
C THR B 189 9.55 -13.34 7.92
N PHE B 190 10.29 -13.36 9.03
CA PHE B 190 10.48 -12.16 9.84
C PHE B 190 11.40 -11.12 9.23
N ALA B 191 12.11 -11.45 8.14
CA ALA B 191 13.01 -10.50 7.48
C ALA B 191 13.09 -10.81 6.00
N PRO B 192 12.14 -10.33 5.22
CA PRO B 192 12.24 -10.42 3.75
C PRO B 192 13.28 -9.43 3.24
N PRO B 193 13.80 -9.64 2.04
CA PRO B 193 14.62 -8.60 1.42
C PRO B 193 13.85 -7.30 1.39
N PRO B 194 14.50 -6.13 1.62
CA PRO B 194 15.95 -5.97 1.64
C PRO B 194 16.51 -6.11 3.04
N ILE B 195 15.70 -6.48 4.03
CA ILE B 195 16.26 -6.58 5.39
C ILE B 195 17.28 -7.70 5.46
N GLN B 196 16.98 -8.84 4.84
CA GLN B 196 17.82 -10.04 4.80
C GLN B 196 17.61 -10.70 3.45
N ASP B 197 18.68 -11.23 2.85
CA ASP B 197 18.49 -12.01 1.62
C ASP B 197 19.07 -13.40 1.87
N ALA B 198 18.20 -14.32 2.27
CA ALA B 198 18.66 -15.63 2.71
C ALA B 198 19.30 -16.42 1.57
N LEU B 199 18.84 -16.21 0.33
CA LEU B 199 19.42 -16.93 -0.80
C LEU B 199 20.86 -16.45 -1.08
N VAL B 200 21.08 -15.14 -1.02
CA VAL B 200 22.45 -14.62 -1.19
C VAL B 200 23.35 -15.12 -0.07
N LEU B 201 22.82 -15.24 1.15
CA LEU B 201 23.58 -15.74 2.29
C LEU B 201 23.85 -17.24 2.24
N GLY B 202 23.26 -17.97 1.29
CA GLY B 202 23.62 -19.36 1.06
C GLY B 202 22.47 -20.35 1.17
N ALA B 203 21.27 -19.94 1.52
CA ALA B 203 20.19 -20.90 1.70
C ALA B 203 19.89 -21.56 0.36
N ASP B 204 19.65 -22.87 0.41
CA ASP B 204 19.26 -23.59 -0.80
C ASP B 204 17.85 -23.21 -1.19
N TYR B 205 16.97 -23.17 -0.19
CA TYR B 205 15.62 -22.65 -0.42
C TYR B 205 15.31 -21.61 0.64
N VAL B 206 14.45 -20.66 0.27
CA VAL B 206 13.91 -19.74 1.26
C VAL B 206 12.40 -19.87 1.21
N VAL B 207 11.76 -19.79 2.38
N VAL B 207 11.76 -19.83 2.38
CA VAL B 207 10.31 -19.81 2.49
CA VAL B 207 10.30 -19.82 2.46
C VAL B 207 9.86 -18.58 3.26
C VAL B 207 9.86 -18.59 3.25
N HIS B 208 8.74 -18.00 2.82
CA HIS B 208 8.09 -16.92 3.56
C HIS B 208 6.60 -17.21 3.67
N SER B 209 6.04 -16.88 4.83
CA SER B 209 4.60 -16.68 4.94
C SER B 209 4.31 -15.29 4.39
N ALA B 210 3.79 -15.23 3.16
CA ALA B 210 3.45 -13.95 2.58
C ALA B 210 2.22 -13.35 3.24
N THR B 211 1.51 -14.15 4.04
CA THR B 211 0.45 -13.66 4.90
C THR B 211 0.93 -12.49 5.77
N LYS B 212 2.21 -12.48 6.10
CA LYS B 212 2.73 -11.51 7.07
C LYS B 212 3.16 -10.24 6.33
N TYR B 213 4.47 -9.98 6.20
CA TYR B 213 4.96 -8.71 5.62
C TYR B 213 4.62 -8.51 4.16
N LEU B 214 4.79 -9.55 3.32
CA LEU B 214 4.69 -9.31 1.87
C LEU B 214 3.30 -8.82 1.48
N ALA B 215 2.24 -9.46 2.00
CA ALA B 215 0.90 -8.93 1.78
C ALA B 215 0.61 -7.76 2.71
N GLY B 216 0.83 -7.95 4.02
CA GLY B 216 0.97 -6.83 4.91
C GLY B 216 -0.29 -6.17 5.45
N HIS B 217 -1.49 -6.58 5.03
CA HIS B 217 -2.70 -5.88 5.46
C HIS B 217 -3.65 -6.82 6.18
N SER B 218 -3.18 -8.01 6.58
CA SER B 218 -3.99 -8.98 7.33
C SER B 218 -5.23 -9.41 6.58
N ASP B 219 -5.17 -9.46 5.25
CA ASP B 219 -6.34 -9.88 4.49
C ASP B 219 -6.02 -10.86 3.36
N VAL B 220 -4.84 -11.47 3.39
CA VAL B 220 -4.41 -12.43 2.39
C VAL B 220 -3.65 -13.55 3.10
N LEU B 221 -4.07 -14.80 2.89
CA LEU B 221 -3.25 -15.94 3.27
C LEU B 221 -2.42 -16.34 2.06
N ALA B 222 -1.11 -16.48 2.23
CA ALA B 222 -0.27 -16.87 1.09
C ALA B 222 1.10 -17.34 1.56
N GLY B 223 1.70 -18.24 0.79
CA GLY B 223 3.05 -18.69 1.07
C GLY B 223 3.89 -18.64 -0.18
N VAL B 224 5.21 -18.52 -0.01
CA VAL B 224 6.07 -18.49 -1.18
C VAL B 224 7.39 -19.19 -0.87
N THR B 225 7.90 -19.96 -1.82
CA THR B 225 9.21 -20.59 -1.77
C THR B 225 10.04 -20.11 -2.95
N ALA B 226 11.34 -19.88 -2.72
CA ALA B 226 12.20 -19.47 -3.83
C ALA B 226 13.53 -20.20 -3.71
N SER B 227 14.22 -20.29 -4.84
CA SER B 227 15.50 -20.97 -4.94
C SER B 227 16.19 -20.46 -6.20
N LYS B 228 17.52 -20.36 -6.14
CA LYS B 228 18.25 -20.05 -7.36
C LYS B 228 18.12 -21.17 -8.40
N ASP B 229 17.76 -22.39 -7.98
CA ASP B 229 17.66 -23.54 -8.88
C ASP B 229 16.26 -23.60 -9.47
N ARG B 230 16.12 -23.09 -10.69
CA ARG B 230 14.80 -22.97 -11.32
C ARG B 230 14.14 -24.32 -11.53
N SER B 231 14.91 -25.37 -11.82
CA SER B 231 14.28 -26.67 -12.09
C SER B 231 13.60 -27.22 -10.84
N LYS B 232 14.12 -26.91 -9.66
CA LYS B 232 13.47 -27.33 -8.43
C LYS B 232 12.15 -26.59 -8.22
N ILE B 233 12.16 -25.29 -8.52
CA ILE B 233 10.92 -24.50 -8.41
C ILE B 233 9.87 -25.03 -9.39
N LEU B 234 10.29 -25.43 -10.59
CA LEU B 234 9.34 -26.02 -11.53
C LEU B 234 8.78 -27.35 -11.01
N ASP B 235 9.63 -28.17 -10.38
CA ASP B 235 9.10 -29.38 -9.73
C ASP B 235 8.05 -29.02 -8.68
N LEU B 236 8.35 -28.04 -7.83
CA LEU B 236 7.41 -27.60 -6.80
C LEU B 236 6.09 -27.12 -7.41
N LYS B 237 6.16 -26.41 -8.53
CA LYS B 237 4.93 -25.96 -9.18
C LYS B 237 4.11 -27.13 -9.71
N ALA B 238 4.81 -28.14 -10.26
CA ALA B 238 4.10 -29.31 -10.71
C ALA B 238 3.41 -30.02 -9.55
N ASP B 239 4.10 -30.15 -8.41
CA ASP B 239 3.48 -30.79 -7.24
C ASP B 239 2.30 -29.98 -6.73
N ARG B 240 2.44 -28.65 -6.74
CA ARG B 240 1.37 -27.78 -6.26
C ARG B 240 0.08 -28.01 -7.02
N ALA B 241 0.18 -28.35 -8.32
CA ALA B 241 -1.02 -28.60 -9.11
C ALA B 241 -1.86 -29.75 -8.57
N TYR B 242 -1.24 -30.69 -7.86
CA TYR B 242 -1.93 -31.89 -7.39
C TYR B 242 -2.11 -31.90 -5.88
N LEU B 243 -1.24 -31.23 -5.13
N LEU B 243 -1.29 -31.14 -5.17
CA LEU B 243 -1.55 -31.00 -3.72
CA LEU B 243 -1.56 -31.01 -3.71
C LEU B 243 -2.73 -30.04 -3.59
C LEU B 243 -2.75 -30.06 -3.59
N GLY B 244 -3.00 -29.27 -4.65
CA GLY B 244 -4.19 -28.43 -4.68
C GLY B 244 -4.04 -27.12 -3.95
N THR B 245 -2.79 -26.63 -3.84
CA THR B 245 -2.46 -25.50 -2.97
C THR B 245 -2.04 -24.25 -3.72
N ILE B 246 -2.39 -24.11 -5.00
CA ILE B 246 -2.10 -22.85 -5.68
C ILE B 246 -2.87 -21.70 -5.01
N LEU B 247 -2.24 -20.54 -4.99
CA LEU B 247 -2.97 -19.32 -4.65
C LEU B 247 -4.04 -19.04 -5.70
N HIS B 248 -5.27 -18.77 -5.24
CA HIS B 248 -6.37 -18.51 -6.15
C HIS B 248 -6.26 -17.10 -6.73
N PRO B 249 -6.89 -16.88 -7.89
CA PRO B 249 -6.81 -15.56 -8.54
C PRO B 249 -7.13 -14.35 -7.66
N GLN B 250 -8.19 -14.41 -6.85
CA GLN B 250 -8.56 -13.22 -6.06
C GLN B 250 -7.46 -12.87 -5.06
N GLN B 251 -6.88 -13.90 -4.43
CA GLN B 251 -5.80 -13.64 -3.49
C GLN B 251 -4.54 -13.20 -4.22
N ALA B 252 -4.25 -13.82 -5.36
CA ALA B 252 -3.06 -13.39 -6.10
C ALA B 252 -3.20 -11.93 -6.54
N PHE B 253 -4.42 -11.48 -6.82
CA PHE B 253 -4.63 -10.08 -7.16
C PHE B 253 -4.31 -9.19 -5.97
N LEU B 254 -4.83 -9.56 -4.77
CA LEU B 254 -4.57 -8.72 -3.61
C LEU B 254 -3.11 -8.76 -3.18
N LEU B 255 -2.47 -9.93 -3.28
CA LEU B 255 -1.05 -10.05 -2.97
C LEU B 255 -0.23 -9.14 -3.89
N LEU B 256 -0.52 -9.16 -5.17
CA LEU B 256 0.22 -8.32 -6.10
C LEU B 256 -0.01 -6.84 -5.79
N ARG B 257 -1.26 -6.48 -5.47
CA ARG B 257 -1.55 -5.11 -5.08
C ARG B 257 -0.68 -4.70 -3.90
N SER B 258 -0.61 -5.58 -2.88
CA SER B 258 0.24 -5.29 -1.72
C SER B 258 1.71 -5.14 -2.08
N LEU B 259 2.21 -6.02 -2.97
CA LEU B 259 3.62 -5.97 -3.31
C LEU B 259 4.01 -4.60 -3.87
N ARG B 260 3.05 -3.92 -4.49
CA ARG B 260 3.37 -2.59 -5.03
C ARG B 260 3.87 -1.62 -3.96
N THR B 261 3.34 -1.72 -2.74
CA THR B 261 3.79 -0.85 -1.65
C THR B 261 4.76 -1.55 -0.69
N PHE B 262 5.09 -2.81 -0.92
CA PHE B 262 6.01 -3.52 -0.04
C PHE B 262 7.33 -2.78 0.24
N PRO B 263 8.06 -2.23 -0.75
CA PRO B 263 9.33 -1.53 -0.41
C PRO B 263 9.15 -0.36 0.57
N LEU B 264 8.04 0.40 0.43
CA LEU B 264 7.76 1.48 1.37
C LEU B 264 7.42 0.94 2.76
N ARG B 265 6.50 -0.03 2.80
CA ARG B 265 6.07 -0.60 4.07
C ARG B 265 7.23 -1.23 4.83
N ILE B 266 8.03 -2.05 4.15
CA ILE B 266 9.06 -2.82 4.87
C ILE B 266 10.10 -1.87 5.43
N ALA B 267 10.40 -0.78 4.72
CA ALA B 267 11.34 0.20 5.29
C ALA B 267 10.78 0.82 6.56
N LYS B 268 9.48 1.13 6.55
CA LYS B 268 8.88 1.73 7.74
C LYS B 268 8.82 0.71 8.90
N HIS B 269 8.44 -0.53 8.59
CA HIS B 269 8.43 -1.56 9.65
C HIS B 269 9.80 -1.67 10.30
N SER B 270 10.86 -1.73 9.48
CA SER B 270 12.21 -1.95 10.00
C SER B 270 12.63 -0.80 10.89
N GLU B 271 12.39 0.43 10.43
CA GLU B 271 12.75 1.60 11.22
C GLU B 271 12.01 1.59 12.55
N ASN B 272 10.70 1.30 12.50
CA ASN B 272 9.88 1.32 13.71
C ASN B 272 10.28 0.21 14.66
N GLY B 273 10.58 -0.97 14.13
CA GLY B 273 10.97 -2.07 14.99
C GLY B 273 12.22 -1.74 15.77
N PHE B 274 13.22 -1.18 15.08
CA PHE B 274 14.44 -0.76 15.76
C PHE B 274 14.11 0.26 16.86
N LEU B 275 13.33 1.29 16.52
CA LEU B 275 13.06 2.36 17.48
C LEU B 275 12.32 1.82 18.70
N VAL B 276 11.31 0.98 18.50
CA VAL B 276 10.51 0.50 19.63
C VAL B 276 11.31 -0.48 20.46
N ALA B 277 12.02 -1.43 19.82
CA ALA B 277 12.83 -2.37 20.59
C ALA B 277 13.87 -1.63 21.44
N GLN B 278 14.55 -0.67 20.83
CA GLN B 278 15.58 0.09 21.55
C GLN B 278 14.99 0.90 22.69
N HIS B 279 13.81 1.48 22.50
CA HIS B 279 13.19 2.22 23.59
C HIS B 279 12.85 1.29 24.76
N LEU B 280 12.24 0.15 24.46
CA LEU B 280 11.87 -0.77 25.52
C LEU B 280 13.12 -1.26 26.26
N ASN B 281 14.21 -1.49 25.52
CA ASN B 281 15.43 -1.97 26.17
C ASN B 281 16.02 -0.88 27.06
N LYS B 282 15.93 0.37 26.59
CA LYS B 282 16.40 1.48 27.41
C LYS B 282 15.57 1.60 28.69
N LEU B 283 14.25 1.38 28.59
CA LEU B 283 13.42 1.38 29.78
C LEU B 283 13.83 0.29 30.75
N ALA B 284 14.15 -0.88 30.22
CA ALA B 284 14.46 -2.04 31.06
C ALA B 284 15.80 -1.90 31.76
N THR B 285 16.76 -1.21 31.13
CA THR B 285 18.15 -1.18 31.58
C THR B 285 18.65 0.15 32.11
N ASP B 286 17.93 1.25 31.87
CA ASP B 286 18.35 2.59 32.28
C ASP B 286 17.28 3.09 33.24
N GLU B 287 17.46 2.74 34.51
CA GLU B 287 16.59 3.21 35.60
C GLU B 287 16.36 4.73 35.63
N GLN B 288 17.34 5.57 35.28
CA GLN B 288 17.08 7.01 35.28
C GLN B 288 16.14 7.42 34.15
N PHE B 289 16.35 6.88 32.95
CA PHE B 289 15.45 7.13 31.84
C PHE B 289 14.01 6.73 32.19
N ALA B 290 13.83 5.51 32.68
CA ALA B 290 12.51 5.04 33.07
C ALA B 290 11.88 5.97 34.08
N THR B 291 12.63 6.33 35.13
CA THR B 291 12.09 7.23 36.15
C THR B 291 11.71 8.58 35.55
N SER B 292 12.51 9.08 34.62
CA SER B 292 12.19 10.34 33.94
C SER B 292 10.85 10.27 33.22
N LEU B 293 10.42 9.06 32.83
CA LEU B 293 9.12 8.90 32.20
C LEU B 293 7.99 8.47 33.16
N GLY B 294 8.22 8.43 34.47
CA GLY B 294 7.22 7.91 35.37
C GLY B 294 7.10 6.40 35.38
N ILE B 295 8.14 5.69 34.96
CA ILE B 295 8.08 4.25 34.72
C ILE B 295 9.07 3.54 35.63
N ASP B 296 8.60 2.46 36.26
CA ASP B 296 9.41 1.54 37.05
C ASP B 296 10.10 0.56 36.11
N SER B 297 11.42 0.64 35.99
CA SER B 297 12.15 -0.19 35.03
C SER B 297 12.02 -1.68 35.30
N SER B 298 11.62 -2.08 36.51
CA SER B 298 11.50 -3.48 36.86
C SER B 298 10.31 -4.16 36.18
N LEU B 299 9.39 -3.39 35.59
CA LEU B 299 8.26 -3.97 34.84
C LEU B 299 8.73 -4.75 33.63
N ILE B 300 9.87 -4.40 33.06
CA ILE B 300 10.43 -5.10 31.91
C ILE B 300 11.70 -5.81 32.35
N LEU B 301 11.69 -7.15 32.23
CA LEU B 301 12.88 -7.91 32.58
C LEU B 301 13.85 -8.04 31.42
N GLU B 302 13.35 -8.38 30.22
CA GLU B 302 14.30 -8.46 29.11
C GLU B 302 13.59 -8.15 27.81
N VAL B 303 14.32 -7.55 26.87
CA VAL B 303 13.84 -7.33 25.51
C VAL B 303 14.66 -8.19 24.55
N TYR B 304 14.00 -8.97 23.69
CA TYR B 304 14.71 -9.75 22.69
C TYR B 304 14.56 -9.09 21.32
N HIS B 305 15.68 -8.88 20.63
CA HIS B 305 15.67 -8.20 19.33
C HIS B 305 17.03 -8.32 18.68
N ASN B 306 17.04 -8.37 17.34
CA ASN B 306 18.31 -8.60 16.64
C ASN B 306 19.31 -7.50 16.97
N SER B 307 18.84 -6.29 17.23
CA SER B 307 19.73 -5.15 17.46
C SER B 307 20.37 -5.21 18.83
N LEU B 308 19.91 -6.11 19.69
CA LEU B 308 20.41 -6.27 21.05
C LEU B 308 21.32 -7.48 21.19
N GLN B 309 21.46 -8.28 20.14
CA GLN B 309 22.42 -9.38 20.11
C GLN B 309 23.83 -8.83 19.94
N THR B 310 24.77 -9.37 20.70
CA THR B 310 26.13 -8.85 20.67
C THR B 310 27.02 -9.52 19.60
N LYS B 311 26.49 -10.51 18.89
CA LYS B 311 27.26 -11.33 17.95
C LYS B 311 27.48 -10.60 16.62
N GLU B 312 28.70 -10.74 16.05
CA GLU B 312 28.98 -9.87 14.92
C GLU B 312 28.22 -10.31 13.67
N PHE B 313 27.77 -11.57 13.63
CA PHE B 313 27.14 -12.09 12.40
C PHE B 313 25.79 -11.45 12.14
N VAL B 314 25.15 -10.90 13.17
CA VAL B 314 23.75 -10.48 13.02
C VAL B 314 23.64 -9.38 11.96
N ALA B 315 24.43 -8.32 12.11
CA ALA B 315 24.51 -7.32 11.05
C ALA B 315 25.04 -7.82 9.71
N LYS B 316 25.81 -8.94 9.61
CA LYS B 316 26.00 -9.52 8.25
C LYS B 316 24.85 -10.34 7.73
N ASN B 317 23.90 -10.67 8.56
CA ASN B 317 22.73 -11.40 8.02
C ASN B 317 21.60 -10.43 7.68
N LEU B 318 21.22 -9.61 8.66
CA LEU B 318 20.24 -8.55 8.48
C LEU B 318 20.99 -7.31 7.99
N THR B 319 21.32 -7.34 6.70
CA THR B 319 22.15 -6.32 6.10
C THR B 319 21.39 -5.03 5.82
N GLY B 320 20.06 -5.08 5.75
CA GLY B 320 19.31 -3.93 5.31
C GLY B 320 18.25 -3.43 6.27
N GLY B 321 18.27 -3.90 7.51
CA GLY B 321 17.37 -3.34 8.50
C GLY B 321 17.23 -4.27 9.69
N HIS B 322 16.04 -4.24 10.29
CA HIS B 322 15.82 -4.82 11.61
C HIS B 322 14.51 -5.58 11.64
N ALA B 323 14.41 -6.55 12.56
CA ALA B 323 13.15 -7.21 12.80
C ALA B 323 12.14 -6.22 13.38
N SER B 324 10.86 -6.41 13.03
CA SER B 324 9.80 -5.61 13.65
C SER B 324 8.83 -6.47 14.45
N CYS B 325 9.09 -7.77 14.56
CA CYS B 325 8.32 -8.64 15.43
C CYS B 325 9.29 -9.29 16.38
N PHE B 326 9.06 -9.11 17.68
CA PHE B 326 10.04 -9.52 18.70
C PHE B 326 9.32 -9.67 20.02
N SER B 327 10.02 -10.17 21.05
CA SER B 327 9.36 -10.44 22.31
C SER B 327 9.96 -9.65 23.46
N VAL B 328 9.17 -9.52 24.51
CA VAL B 328 9.55 -8.86 25.75
C VAL B 328 9.12 -9.77 26.89
N LEU B 329 10.01 -9.95 27.87
CA LEU B 329 9.70 -10.69 29.08
C LEU B 329 9.40 -9.65 30.15
N LEU B 330 8.18 -9.67 30.66
CA LEU B 330 7.70 -8.69 31.62
C LEU B 330 7.79 -9.27 33.03
N LYS B 331 7.53 -8.41 34.01
CA LYS B 331 7.73 -8.78 35.42
C LYS B 331 6.78 -9.87 35.85
N SER B 332 5.56 -9.88 35.32
CA SER B 332 4.53 -10.82 35.79
C SER B 332 3.49 -11.01 34.70
N ASP B 333 2.64 -12.03 34.87
CA ASP B 333 1.50 -12.20 33.98
C ASP B 333 0.50 -11.06 34.13
N THR B 334 0.41 -10.45 35.30
CA THR B 334 -0.45 -9.29 35.47
C THR B 334 -0.03 -8.14 34.56
N VAL B 335 1.26 -7.83 34.57
CA VAL B 335 1.77 -6.75 33.71
C VAL B 335 1.53 -7.10 32.25
N ALA B 336 1.77 -8.36 31.88
CA ALA B 336 1.58 -8.77 30.50
C ALA B 336 0.13 -8.60 30.07
N LYS B 337 -0.83 -9.03 30.90
CA LYS B 337 -2.23 -8.92 30.52
C LYS B 337 -2.67 -7.46 30.40
N HIS B 338 -2.25 -6.61 31.35
CA HIS B 338 -2.61 -5.20 31.24
C HIS B 338 -2.04 -4.59 29.98
N LEU B 339 -0.80 -4.93 29.66
CA LEU B 339 -0.16 -4.34 28.50
C LEU B 339 -0.90 -4.75 27.22
N CYS B 340 -1.27 -6.03 27.13
CA CYS B 340 -1.94 -6.53 25.93
C CYS B 340 -3.33 -5.94 25.76
N CYS B 341 -3.99 -5.56 26.85
CA CYS B 341 -5.35 -5.07 26.74
C CYS B 341 -5.47 -3.55 26.64
N GLU B 342 -4.46 -2.79 27.05
CA GLU B 342 -4.67 -1.37 27.32
C GLU B 342 -3.97 -0.43 26.35
N LEU B 343 -3.27 -0.96 25.34
CA LEU B 343 -2.59 -0.11 24.36
C LEU B 343 -3.60 0.40 23.33
N LYS B 344 -3.48 1.67 22.96
CA LYS B 344 -4.40 2.25 21.97
C LYS B 344 -4.05 1.82 20.55
N TYR B 345 -2.77 1.66 20.23
CA TYR B 345 -2.34 1.43 18.85
C TYR B 345 -1.91 0.01 18.57
N PHE B 346 -1.95 -0.89 19.57
CA PHE B 346 -1.64 -2.30 19.42
C PHE B 346 -2.90 -3.10 19.70
N HIS B 347 -3.38 -3.85 18.71
CA HIS B 347 -4.52 -4.72 18.93
C HIS B 347 -4.03 -6.04 19.50
N HIS B 348 -4.76 -6.61 20.45
CA HIS B 348 -4.38 -7.91 21.02
C HIS B 348 -4.85 -9.03 20.09
N ALA B 349 -3.92 -9.57 19.31
CA ALA B 349 -4.29 -10.50 18.24
C ALA B 349 -3.05 -11.26 17.82
N THR B 350 -3.28 -12.40 17.18
CA THR B 350 -2.17 -13.17 16.64
C THR B 350 -1.81 -12.66 15.23
N SER B 351 -0.82 -13.31 14.61
CA SER B 351 -0.20 -12.93 13.33
C SER B 351 0.73 -11.73 13.49
N LEU B 352 1.29 -11.25 12.38
CA LEU B 352 2.30 -10.20 12.47
C LEU B 352 2.50 -9.64 11.08
N GLY B 353 3.30 -8.60 10.98
CA GLY B 353 3.57 -8.07 9.66
C GLY B 353 2.43 -7.27 9.10
N SER B 354 1.56 -6.78 9.96
CA SER B 354 0.40 -5.97 9.51
C SER B 354 0.73 -4.49 9.51
N VAL B 355 -0.02 -3.70 8.73
CA VAL B 355 0.18 -2.23 8.71
C VAL B 355 -0.08 -1.69 10.13
N GLU B 356 -1.06 -2.25 10.83
CA GLU B 356 -1.31 -1.86 12.23
C GLU B 356 -0.50 -2.72 13.21
N SER B 357 -0.06 -2.08 14.28
CA SER B 357 0.68 -2.81 15.33
C SER B 357 -0.22 -3.81 16.08
N LEU B 358 0.37 -4.92 16.48
CA LEU B 358 -0.32 -6.00 17.17
C LEU B 358 0.52 -6.39 18.38
N ILE B 359 -0.13 -7.00 19.36
CA ILE B 359 0.58 -7.57 20.51
C ILE B 359 -0.10 -8.88 20.86
N GLU B 360 0.67 -9.82 21.38
CA GLU B 360 0.12 -11.12 21.71
C GLU B 360 0.70 -11.59 23.03
N TRP B 361 -0.18 -11.93 23.97
CA TRP B 361 0.19 -12.65 25.19
C TRP B 361 0.37 -14.11 24.82
N ARG B 362 1.62 -14.57 24.78
CA ARG B 362 1.93 -15.88 24.17
C ARG B 362 1.23 -17.01 24.92
N ARG B 363 1.01 -16.83 26.23
CA ARG B 363 0.31 -17.83 27.04
C ARG B 363 -1.10 -18.09 26.55
N MET B 364 -1.71 -17.16 25.81
CA MET B 364 -3.07 -17.35 25.33
C MET B 364 -3.22 -18.71 24.65
N THR B 365 -2.26 -19.07 23.79
CA THR B 365 -2.39 -20.19 22.88
C THR B 365 -1.60 -21.40 23.33
N ASP B 366 -0.74 -21.23 24.33
CA ASP B 366 0.29 -22.22 24.67
C ASP B 366 0.43 -22.28 26.18
N SER B 367 0.01 -23.41 26.76
CA SER B 367 0.05 -23.55 28.22
C SER B 367 1.44 -23.80 28.75
N LYS B 368 2.41 -24.12 27.91
CA LYS B 368 3.73 -24.38 28.48
C LYS B 368 4.55 -23.11 28.62
N ILE B 369 4.24 -22.06 27.83
CA ILE B 369 5.13 -20.90 27.69
C ILE B 369 5.03 -20.00 28.91
N ASP B 370 6.16 -19.39 29.25
CA ASP B 370 6.28 -18.47 30.35
C ASP B 370 5.20 -17.39 30.25
N PRO B 371 4.33 -17.24 31.26
CA PRO B 371 3.22 -16.28 31.16
C PRO B 371 3.65 -14.83 31.22
N ARG B 372 4.95 -14.57 31.33
CA ARG B 372 5.45 -13.22 31.34
C ARG B 372 5.79 -12.70 29.95
N LEU B 373 5.73 -13.57 28.94
CA LEU B 373 6.26 -13.25 27.61
C LEU B 373 5.17 -12.64 26.75
N VAL B 374 5.47 -11.52 26.10
CA VAL B 374 4.56 -10.95 25.12
C VAL B 374 5.34 -10.75 23.84
N ARG B 375 4.67 -10.92 22.70
CA ARG B 375 5.27 -10.69 21.40
C ARG B 375 4.64 -9.45 20.78
N LEU B 376 5.47 -8.54 20.29
CA LEU B 376 5.02 -7.32 19.63
C LEU B 376 5.26 -7.44 18.14
N SER B 377 4.32 -6.96 17.35
CA SER B 377 4.47 -6.83 15.92
C SER B 377 4.29 -5.37 15.60
N ILE B 378 5.38 -4.70 15.22
CA ILE B 378 5.34 -3.26 14.97
C ILE B 378 4.89 -3.00 13.53
N GLY B 379 3.87 -2.16 13.41
CA GLY B 379 3.29 -1.75 12.13
C GLY B 379 3.94 -0.49 11.61
N ILE B 380 3.19 0.24 10.78
CA ILE B 380 3.75 1.39 10.05
C ILE B 380 3.25 2.72 10.61
N GLU B 381 2.79 2.73 11.86
CA GLU B 381 2.44 3.96 12.57
C GLU B 381 3.70 4.85 12.73
N ASP B 382 3.46 6.09 13.13
CA ASP B 382 4.57 6.92 13.63
C ASP B 382 5.12 6.32 14.94
N ALA B 383 6.41 5.97 14.92
CA ALA B 383 7.05 5.35 16.09
C ALA B 383 6.89 6.19 17.35
N ALA B 384 6.87 7.51 17.21
CA ALA B 384 6.69 8.32 18.41
C ALA B 384 5.33 8.09 19.05
N ASP B 385 4.31 7.80 18.24
CA ASP B 385 3.01 7.48 18.81
C ASP B 385 3.01 6.11 19.49
N LEU B 386 3.69 5.13 18.89
CA LEU B 386 3.77 3.80 19.49
C LEU B 386 4.51 3.87 20.82
N ILE B 387 5.60 4.63 20.86
CA ILE B 387 6.37 4.78 22.09
C ILE B 387 5.58 5.54 23.14
N ALA B 388 4.82 6.57 22.75
CA ALA B 388 4.01 7.28 23.73
C ALA B 388 2.92 6.39 24.32
N ASP B 389 2.35 5.50 23.48
CA ASP B 389 1.35 4.54 23.92
C ASP B 389 1.92 3.56 24.96
N LEU B 390 3.06 2.96 24.60
CA LEU B 390 3.75 2.05 25.51
C LEU B 390 4.08 2.75 26.82
N ASN B 391 4.64 3.96 26.73
CA ASN B 391 4.96 4.74 27.93
C ASN B 391 3.75 4.96 28.80
N ARG B 392 2.60 5.32 28.20
CA ARG B 392 1.40 5.56 29.00
C ARG B 392 1.00 4.32 29.80
N VAL B 393 1.00 3.15 29.16
CA VAL B 393 0.60 1.94 29.88
C VAL B 393 1.62 1.59 30.97
N PHE B 394 2.90 1.65 30.64
CA PHE B 394 3.92 1.30 31.62
C PHE B 394 3.86 2.24 32.81
N ALA B 395 3.60 3.53 32.56
CA ALA B 395 3.48 4.48 33.67
C ALA B 395 2.25 4.19 34.51
N SER B 396 1.13 3.77 33.90
CA SER B 396 -0.06 3.46 34.68
C SER B 396 0.17 2.26 35.59
N LEU B 397 1.14 1.41 35.25
CA LEU B 397 1.44 0.23 36.06
C LEU B 397 2.56 0.48 37.07
N SER B 398 3.01 1.72 37.20
CA SER B 398 4.09 2.08 38.09
C SER B 398 3.51 2.80 39.30
#